data_5VWO
#
_entry.id   5VWO
#
_cell.length_a   115.305
_cell.length_b   115.305
_cell.length_c   187.991
_cell.angle_alpha   90.00
_cell.angle_beta   90.00
_cell.angle_gamma   120.00
#
_symmetry.space_group_name_H-M   'P 32 2 1'
#
loop_
_entity.id
_entity.type
_entity.pdbx_description
1 polymer 'Ornithine aminotransferase, mitochondrial'
2 non-polymer '(1S,3S,4E)-3-({3-hydroxy-2-methyl-5-[(phosphonooxy)methyl]pyridin-4-yl}methyl)-4-iminocyclopentane-1-carboxylic acid'
3 water water
#
_entity_poly.entity_id   1
_entity_poly.type   'polypeptide(L)'
_entity_poly.pdbx_seq_one_letter_code
;GPPTSDDIFEREYKYGAHNYHPLPVALERGKGIYLWDVEGRKYFDFLSSYSAVNQGHCHPKIVNALKSQVDKLTLTSRAF
YNNVLGEYEEYITKLFNYHKVLPMNTGVEAGETACKLARKWGYTVKGIQKYKAKIVFAAGNFWGRTLSAISSSTDPTSYD
GFGPFMPGFDIIPYNDLPALERALQDPNVAAFMVEPIQGEAGVVVPDPGYLMGVRELCTRHQVLFIADEIQTGLARTGRW
LAVDYENVRPDIVLLGKALSGGLYPVSAVLCDDDIMLTIKPGEHGSTYGGNPLGCRVAIAALEVLEEENLAENADKLGII
LRNELMKLPSDVVTAVRGKGLLNAIVIKETKDWDAWKVCLRLRDNGLLAKPTHGDIIRFAPPLVIKEDELRESIEIINKT
ILSF
;
_entity_poly.pdbx_strand_id   A,B,C
#
loop_
_chem_comp.id
_chem_comp.type
_chem_comp.name
_chem_comp.formula
9QJ non-polymer '(1S,3S,4E)-3-({3-hydroxy-2-methyl-5-[(phosphonooxy)methyl]pyridin-4-yl}methyl)-4-iminocyclopentane-1-carboxylic acid' 'C14 H19 N2 O7 P'
#
# COMPACT_ATOMS: atom_id res chain seq x y z
N GLY A 1 -41.80 -25.65 8.85
CA GLY A 1 -42.30 -24.29 8.60
C GLY A 1 -41.21 -23.21 8.60
N PRO A 2 -41.47 -22.00 8.04
CA PRO A 2 -40.48 -20.91 7.91
C PRO A 2 -39.91 -20.30 9.21
N PRO A 3 -38.70 -19.71 9.14
CA PRO A 3 -38.20 -19.10 10.37
C PRO A 3 -39.00 -17.87 10.81
N THR A 4 -39.19 -17.76 12.12
CA THR A 4 -39.90 -16.63 12.71
C THR A 4 -38.93 -15.46 12.90
N SER A 5 -39.46 -14.34 13.38
CA SER A 5 -38.61 -13.19 13.64
C SER A 5 -37.55 -13.52 14.68
N ASP A 6 -37.94 -14.19 15.76
CA ASP A 6 -37.01 -14.55 16.82
CA ASP A 6 -37.01 -14.55 16.82
C ASP A 6 -35.93 -15.50 16.30
N ASP A 7 -36.32 -16.40 15.40
CA ASP A 7 -35.37 -17.31 14.77
C ASP A 7 -34.28 -16.53 14.06
N ILE A 8 -34.73 -15.53 13.33
CA ILE A 8 -33.87 -14.69 12.52
C ILE A 8 -32.93 -13.90 13.41
N PHE A 9 -33.47 -13.32 14.49
CA PHE A 9 -32.67 -12.58 15.45
C PHE A 9 -31.56 -13.47 16.01
N GLU A 10 -31.91 -14.70 16.33
CA GLU A 10 -30.99 -15.60 17.01
C GLU A 10 -29.90 -16.12 16.08
N ARG A 11 -30.24 -16.33 14.82
CA ARG A 11 -29.25 -16.82 13.87
C ARG A 11 -28.16 -15.78 13.64
N GLU A 12 -28.55 -14.52 13.50
CA GLU A 12 -27.56 -13.46 13.30
C GLU A 12 -26.72 -13.26 14.56
N TYR A 13 -27.35 -13.40 15.72
CA TYR A 13 -26.62 -13.29 16.98
C TYR A 13 -25.51 -14.33 17.04
N LYS A 14 -25.80 -15.52 16.50
CA LYS A 14 -24.86 -16.63 16.56
C LYS A 14 -23.72 -16.51 15.54
N TYR A 15 -24.07 -16.17 14.31
CA TYR A 15 -23.13 -16.25 13.21
C TYR A 15 -22.64 -14.90 12.64
N GLY A 16 -23.24 -13.79 13.10
CA GLY A 16 -22.84 -12.48 12.60
C GLY A 16 -22.18 -11.61 13.66
N ALA A 17 -21.32 -10.70 13.24
CA ALA A 17 -20.70 -9.74 14.15
C ALA A 17 -21.79 -8.94 14.84
N HIS A 18 -21.49 -8.46 16.05
CA HIS A 18 -22.46 -7.69 16.81
C HIS A 18 -22.24 -6.18 16.67
N ASN A 19 -21.99 -5.70 15.45
CA ASN A 19 -21.62 -4.29 15.31
C ASN A 19 -22.80 -3.33 15.11
N TYR A 20 -24.02 -3.86 15.08
CA TYR A 20 -25.21 -3.02 14.98
C TYR A 20 -26.15 -3.17 16.17
N HIS A 21 -26.96 -2.14 16.43
CA HIS A 21 -28.03 -2.22 17.43
C HIS A 21 -29.37 -2.04 16.73
N PRO A 22 -29.85 -3.10 16.10
CA PRO A 22 -31.02 -2.96 15.21
C PRO A 22 -32.34 -2.91 15.97
N LEU A 23 -33.34 -2.28 15.37
CA LEU A 23 -34.70 -2.38 15.87
C LEU A 23 -35.17 -3.81 15.63
N PRO A 24 -35.78 -4.45 16.64
CA PRO A 24 -36.14 -5.87 16.49
C PRO A 24 -37.32 -6.10 15.53
N VAL A 25 -37.04 -6.16 14.24
CA VAL A 25 -38.06 -6.43 13.25
C VAL A 25 -37.36 -7.09 12.04
N ALA A 26 -37.99 -8.10 11.47
CA ALA A 26 -37.34 -8.88 10.41
C ALA A 26 -38.11 -8.83 9.11
N LEU A 27 -37.59 -8.11 8.13
CA LEU A 27 -38.31 -7.85 6.89
C LEU A 27 -37.95 -8.82 5.79
N GLU A 28 -38.89 -9.12 4.91
CA GLU A 28 -38.59 -10.03 3.81
C GLU A 28 -39.04 -9.51 2.45
N ARG A 29 -39.71 -8.35 2.44
CA ARG A 29 -40.20 -7.80 1.19
C ARG A 29 -40.41 -6.31 1.34
N GLY A 30 -40.14 -5.56 0.28
CA GLY A 30 -40.36 -4.13 0.30
C GLY A 30 -40.86 -3.64 -1.04
N LYS A 31 -41.77 -2.68 -1.02
CA LYS A 31 -42.26 -2.09 -2.27
C LYS A 31 -42.73 -0.65 -2.04
N GLY A 32 -42.15 0.28 -2.78
CA GLY A 32 -42.43 1.70 -2.57
C GLY A 32 -42.10 2.09 -1.14
N ILE A 33 -43.11 2.58 -0.42
CA ILE A 33 -42.92 3.06 0.94
C ILE A 33 -43.18 1.99 2.00
N TYR A 34 -43.46 0.77 1.54
CA TYR A 34 -43.88 -0.30 2.44
C TYR A 34 -42.87 -1.44 2.63
N LEU A 35 -42.81 -1.99 3.84
CA LEU A 35 -42.04 -3.19 4.13
C LEU A 35 -42.94 -4.20 4.83
N TRP A 36 -42.70 -5.50 4.57
CA TRP A 36 -43.43 -6.57 5.24
C TRP A 36 -42.47 -7.46 6.04
N ASP A 37 -42.84 -7.81 7.28
CA ASP A 37 -41.97 -8.72 8.02
C ASP A 37 -42.34 -10.18 7.72
N VAL A 38 -41.61 -11.10 8.33
CA VAL A 38 -41.79 -12.52 8.02
C VAL A 38 -43.11 -13.05 8.56
N GLU A 39 -43.71 -12.32 9.51
CA GLU A 39 -45.03 -12.67 10.03
C GLU A 39 -46.14 -12.11 9.13
N GLY A 40 -45.76 -11.39 8.08
CA GLY A 40 -46.71 -10.81 7.15
C GLY A 40 -47.20 -9.40 7.47
N ARG A 41 -46.80 -8.89 8.63
CA ARG A 41 -47.21 -7.55 9.05
C ARG A 41 -46.60 -6.45 8.17
N LYS A 42 -47.36 -5.38 7.95
CA LYS A 42 -46.93 -4.32 7.02
C LYS A 42 -46.54 -3.03 7.73
N TYR A 43 -45.47 -2.38 7.27
CA TYR A 43 -44.96 -1.17 7.91
C TYR A 43 -44.72 0.00 6.93
N PHE A 44 -44.90 1.22 7.42
CA PHE A 44 -44.36 2.40 6.74
C PHE A 44 -42.85 2.48 6.98
N ASP A 45 -42.06 2.64 5.92
CA ASP A 45 -40.61 2.81 6.06
C ASP A 45 -40.27 4.29 6.24
N PHE A 46 -39.87 4.68 7.44
CA PHE A 46 -39.49 6.06 7.70
C PHE A 46 -38.00 6.22 7.99
N LEU A 47 -37.21 5.27 7.49
CA LEU A 47 -35.75 5.34 7.56
C LEU A 47 -35.15 5.41 6.16
N SER A 48 -35.81 4.75 5.21
CA SER A 48 -35.37 4.70 3.82
C SER A 48 -33.93 4.20 3.69
N SER A 49 -33.53 3.28 4.55
CA SER A 49 -32.16 2.77 4.55
C SER A 49 -31.13 3.90 4.56
N TYR A 50 -31.29 4.82 5.51
CA TYR A 50 -30.46 6.02 5.62
C TYR A 50 -30.42 6.81 4.32
N SER A 51 -31.59 6.91 3.69
CA SER A 51 -31.82 7.73 2.52
C SER A 51 -31.20 7.14 1.25
N ALA A 52 -31.09 5.82 1.21
CA ALA A 52 -30.64 5.14 0.02
C ALA A 52 -31.81 4.72 -0.90
N VAL A 53 -33.00 4.57 -0.35
CA VAL A 53 -34.15 4.20 -1.18
C VAL A 53 -35.13 5.39 -1.31
N ASN A 54 -34.62 6.52 -1.78
CA ASN A 54 -35.43 7.69 -2.07
C ASN A 54 -36.56 7.35 -3.07
N GLN A 55 -36.21 6.49 -4.01
CA GLN A 55 -37.11 6.12 -5.10
C GLN A 55 -38.11 5.04 -4.68
N GLY A 56 -38.12 4.69 -3.40
CA GLY A 56 -38.93 3.59 -2.91
C GLY A 56 -38.26 2.23 -3.14
N HIS A 57 -38.63 1.24 -2.34
CA HIS A 57 -38.06 -0.10 -2.46
C HIS A 57 -38.40 -0.76 -3.79
N CYS A 58 -37.39 -1.35 -4.42
CA CYS A 58 -37.56 -2.16 -5.63
C CYS A 58 -38.33 -1.44 -6.72
N HIS A 59 -37.96 -0.19 -6.98
CA HIS A 59 -38.59 0.56 -8.05
C HIS A 59 -38.45 -0.18 -9.38
N PRO A 60 -39.58 -0.48 -10.03
CA PRO A 60 -39.64 -1.29 -11.26
C PRO A 60 -38.71 -0.80 -12.37
N LYS A 61 -38.55 0.51 -12.54
CA LYS A 61 -37.67 1.01 -13.59
C LYS A 61 -36.17 0.73 -13.29
N ILE A 62 -35.75 0.87 -12.05
CA ILE A 62 -34.35 0.57 -11.71
C ILE A 62 -34.11 -0.94 -11.75
N VAL A 63 -35.07 -1.68 -11.22
CA VAL A 63 -35.03 -3.14 -11.26
C VAL A 63 -34.88 -3.64 -12.68
N ASN A 64 -35.58 -3.05 -13.63
CA ASN A 64 -35.48 -3.50 -15.02
CA ASN A 64 -35.48 -3.48 -15.02
C ASN A 64 -34.11 -3.19 -15.60
N ALA A 65 -33.54 -2.06 -15.18
CA ALA A 65 -32.21 -1.70 -15.64
C ALA A 65 -31.20 -2.74 -15.17
N LEU A 66 -31.33 -3.18 -13.92
CA LEU A 66 -30.43 -4.20 -13.38
C LEU A 66 -30.60 -5.50 -14.14
N LYS A 67 -31.85 -5.92 -14.30
CA LYS A 67 -32.18 -7.18 -14.96
C LYS A 67 -31.72 -7.20 -16.41
N SER A 68 -31.80 -6.05 -17.08
CA SER A 68 -31.41 -5.97 -18.47
C SER A 68 -29.89 -6.12 -18.65
N GLN A 69 -29.10 -5.47 -17.81
CA GLN A 69 -27.65 -5.46 -18.00
C GLN A 69 -26.96 -6.71 -17.44
N VAL A 70 -27.58 -7.34 -16.45
CA VAL A 70 -26.93 -8.46 -15.77
C VAL A 70 -26.70 -9.64 -16.72
N ASP A 71 -27.44 -9.70 -17.82
CA ASP A 71 -27.29 -10.76 -18.82
C ASP A 71 -26.22 -10.47 -19.84
N LYS A 72 -25.79 -9.22 -19.90
CA LYS A 72 -24.80 -8.80 -20.90
C LYS A 72 -23.37 -8.84 -20.40
N LEU A 73 -23.12 -8.08 -19.34
CA LEU A 73 -21.77 -7.80 -18.86
C LEU A 73 -21.87 -7.14 -17.49
N THR A 74 -21.13 -7.61 -16.49
CA THR A 74 -21.31 -7.02 -15.16
C THR A 74 -20.05 -6.38 -14.61
N LEU A 75 -18.88 -6.87 -15.01
CA LEU A 75 -17.63 -6.33 -14.49
C LEU A 75 -16.44 -6.58 -15.41
N THR A 76 -15.82 -5.52 -15.91
CA THR A 76 -14.58 -5.65 -16.67
C THR A 76 -13.36 -5.20 -15.87
N SER A 77 -13.62 -4.44 -14.81
CA SER A 77 -12.64 -3.55 -14.18
C SER A 77 -12.27 -2.44 -15.15
N ARG A 78 -11.61 -1.41 -14.66
CA ARG A 78 -11.29 -0.27 -15.52
C ARG A 78 -9.94 -0.47 -16.18
N ALA A 79 -9.42 -1.68 -16.06
CA ALA A 79 -8.28 -2.10 -16.86
C ALA A 79 -8.66 -2.17 -18.35
N PHE A 80 -9.94 -2.38 -18.62
CA PHE A 80 -10.46 -2.38 -20.00
C PHE A 80 -11.57 -1.36 -20.06
N TYR A 81 -12.00 -0.97 -21.27
CA TYR A 81 -13.23 -0.19 -21.38
C TYR A 81 -14.45 -1.08 -21.59
N ASN A 82 -15.62 -0.54 -21.26
CA ASN A 82 -16.88 -1.10 -21.72
C ASN A 82 -17.78 -0.01 -22.32
N ASN A 83 -18.97 -0.41 -22.80
CA ASN A 83 -19.83 0.53 -23.52
C ASN A 83 -20.74 1.32 -22.59
N VAL A 84 -20.74 0.98 -21.31
CA VAL A 84 -21.69 1.61 -20.41
C VAL A 84 -21.09 2.81 -19.66
N LEU A 85 -19.90 2.66 -19.08
CA LEU A 85 -19.40 3.66 -18.12
C LEU A 85 -19.40 5.08 -18.68
N GLY A 86 -18.86 5.27 -19.87
CA GLY A 86 -18.82 6.58 -20.51
C GLY A 86 -20.18 7.23 -20.71
N GLU A 87 -21.20 6.41 -20.92
CA GLU A 87 -22.54 6.91 -21.10
C GLU A 87 -23.07 7.49 -19.78
N TYR A 88 -22.86 6.75 -18.68
CA TYR A 88 -23.16 7.24 -17.34
C TYR A 88 -22.38 8.51 -17.01
N GLU A 89 -21.08 8.51 -17.34
CA GLU A 89 -20.21 9.64 -17.01
C GLU A 89 -20.70 10.94 -17.67
N GLU A 90 -21.00 10.86 -18.96
CA GLU A 90 -21.49 12.04 -19.66
C GLU A 90 -22.81 12.52 -19.04
N TYR A 91 -23.67 11.57 -18.74
CA TYR A 91 -24.98 11.89 -18.18
C TYR A 91 -24.90 12.59 -16.82
N ILE A 92 -24.18 12.00 -15.86
CA ILE A 92 -24.17 12.58 -14.51
C ILE A 92 -23.38 13.90 -14.47
N THR A 93 -22.30 14.01 -15.24
CA THR A 93 -21.51 15.24 -15.24
C THR A 93 -22.34 16.41 -15.79
N LYS A 94 -23.08 16.15 -16.86
CA LYS A 94 -23.91 17.18 -17.45
C LYS A 94 -25.08 17.53 -16.54
N LEU A 95 -25.60 16.54 -15.82
CA LEU A 95 -26.69 16.77 -14.90
C LEU A 95 -26.30 17.72 -13.75
N PHE A 96 -25.12 17.54 -13.16
CA PHE A 96 -24.73 18.38 -12.03
C PHE A 96 -23.79 19.52 -12.42
N ASN A 97 -23.40 19.52 -13.70
CA ASN A 97 -22.58 20.55 -14.32
C ASN A 97 -21.15 20.63 -13.74
N TYR A 98 -20.45 19.51 -13.78
CA TYR A 98 -19.03 19.44 -13.51
C TYR A 98 -18.34 18.79 -14.69
N HIS A 99 -17.04 19.03 -14.85
CA HIS A 99 -16.31 18.44 -15.96
C HIS A 99 -16.28 16.91 -15.89
N LYS A 100 -15.92 16.38 -14.74
CA LYS A 100 -15.65 14.95 -14.64
C LYS A 100 -16.27 14.30 -13.40
N VAL A 101 -16.37 12.96 -13.46
CA VAL A 101 -16.81 12.19 -12.30
C VAL A 101 -15.78 11.07 -12.09
N LEU A 102 -15.56 10.72 -10.83
CA LEU A 102 -14.72 9.57 -10.51
C LEU A 102 -15.63 8.57 -9.80
N PRO A 103 -15.85 7.40 -10.42
CA PRO A 103 -16.82 6.43 -9.89
C PRO A 103 -16.22 5.56 -8.76
N MET A 104 -16.97 5.39 -7.68
CA MET A 104 -16.59 4.49 -6.59
C MET A 104 -17.83 3.70 -6.17
N ASN A 105 -17.73 2.93 -5.08
CA ASN A 105 -18.85 2.08 -4.72
C ASN A 105 -19.64 2.55 -3.51
N THR A 106 -18.95 2.82 -2.40
CA THR A 106 -19.63 3.21 -1.17
C THR A 106 -19.37 4.68 -0.84
N GLY A 107 -20.18 5.22 0.05
CA GLY A 107 -20.05 6.61 0.45
C GLY A 107 -18.68 6.92 1.05
N VAL A 108 -18.20 6.07 1.95
CA VAL A 108 -16.92 6.38 2.59
C VAL A 108 -15.79 6.36 1.54
N GLU A 109 -15.90 5.51 0.52
CA GLU A 109 -14.93 5.49 -0.58
C GLU A 109 -14.92 6.81 -1.34
N ALA A 110 -16.09 7.41 -1.51
CA ALA A 110 -16.19 8.71 -2.17
C ALA A 110 -15.50 9.79 -1.33
N GLY A 111 -15.74 9.79 -0.02
CA GLY A 111 -15.06 10.70 0.88
C GLY A 111 -13.55 10.52 0.87
N GLU A 112 -13.09 9.27 0.95
CA GLU A 112 -11.65 9.03 0.89
C GLU A 112 -11.03 9.56 -0.40
N THR A 113 -11.74 9.34 -1.50
CA THR A 113 -11.31 9.82 -2.80
C THR A 113 -11.19 11.34 -2.79
N ALA A 114 -12.19 12.01 -2.22
CA ALA A 114 -12.17 13.48 -2.13
C ALA A 114 -10.98 13.97 -1.29
N CYS A 115 -10.67 13.30 -0.18
CA CYS A 115 -9.53 13.69 0.65
C CYS A 115 -8.24 13.52 -0.12
N LYS A 116 -8.14 12.44 -0.90
CA LYS A 116 -6.96 12.22 -1.71
C LYS A 116 -6.83 13.31 -2.80
N LEU A 117 -7.93 13.66 -3.45
CA LEU A 117 -7.91 14.78 -4.41
C LEU A 117 -7.49 16.10 -3.77
N ALA A 118 -8.08 16.41 -2.62
CA ALA A 118 -7.74 17.61 -1.87
C ALA A 118 -6.25 17.69 -1.58
N ARG A 119 -5.69 16.60 -1.06
CA ARG A 119 -4.28 16.57 -0.74
C ARG A 119 -3.42 16.68 -2.00
N LYS A 120 -3.76 15.90 -3.03
CA LYS A 120 -2.96 15.88 -4.25
CA LYS A 120 -2.97 15.88 -4.26
C LYS A 120 -2.96 17.27 -4.91
N TRP A 121 -4.14 17.89 -4.92
CA TRP A 121 -4.29 19.26 -5.42
C TRP A 121 -3.48 20.22 -4.53
N GLY A 122 -3.60 20.02 -3.23
CA GLY A 122 -2.87 20.81 -2.26
C GLY A 122 -1.38 20.86 -2.54
N TYR A 123 -0.80 19.71 -2.81
CA TYR A 123 0.64 19.63 -3.06
C TYR A 123 1.01 20.08 -4.48
N THR A 124 0.26 19.62 -5.49
CA THR A 124 0.70 19.80 -6.88
C THR A 124 0.23 21.12 -7.49
N VAL A 125 -0.85 21.69 -6.97
CA VAL A 125 -1.38 22.93 -7.52
C VAL A 125 -1.21 24.11 -6.57
N LYS A 126 -1.69 23.97 -5.33
CA LYS A 126 -1.60 25.05 -4.36
C LYS A 126 -0.15 25.25 -3.88
N GLY A 127 0.67 24.20 -3.93
CA GLY A 127 2.07 24.28 -3.57
C GLY A 127 2.39 24.10 -2.08
N ILE A 128 1.51 23.42 -1.35
CA ILE A 128 1.78 23.04 0.03
C ILE A 128 2.98 22.08 0.06
N GLN A 129 3.85 22.20 1.06
CA GLN A 129 4.99 21.28 1.17
C GLN A 129 4.50 19.90 1.60
N LYS A 130 5.05 18.85 1.00
CA LYS A 130 4.69 17.49 1.40
C LYS A 130 5.41 17.16 2.72
N TYR A 131 4.70 16.66 3.72
CA TYR A 131 3.27 16.36 3.70
C TYR A 131 2.54 17.18 4.75
N LYS A 132 2.42 18.49 4.52
CA LYS A 132 1.86 19.39 5.51
C LYS A 132 0.38 19.74 5.27
N ALA A 133 -0.25 19.12 4.28
CA ALA A 133 -1.63 19.52 3.96
C ALA A 133 -2.63 19.13 5.05
N LYS A 134 -3.51 20.07 5.37
CA LYS A 134 -4.61 19.84 6.31
C LYS A 134 -5.97 19.80 5.62
N ILE A 135 -6.87 18.97 6.14
CA ILE A 135 -8.27 19.03 5.76
C ILE A 135 -9.07 19.36 7.01
N VAL A 136 -9.95 20.36 6.91
CA VAL A 136 -10.80 20.73 8.03
C VAL A 136 -12.17 20.07 7.92
N PHE A 137 -12.70 19.62 9.06
CA PHE A 137 -14.01 18.99 9.12
C PHE A 137 -14.87 19.69 10.17
N ALA A 138 -16.18 19.46 10.14
CA ALA A 138 -17.05 20.03 11.16
C ALA A 138 -17.41 18.99 12.22
N ALA A 139 -17.38 19.39 13.50
CA ALA A 139 -17.82 18.51 14.60
C ALA A 139 -19.22 17.99 14.32
N GLY A 140 -19.45 16.72 14.59
CA GLY A 140 -20.73 16.09 14.33
C GLY A 140 -20.84 15.40 12.98
N ASN A 141 -19.78 15.48 12.18
CA ASN A 141 -19.78 14.87 10.86
C ASN A 141 -19.81 13.36 10.96
N PHE A 142 -20.47 12.73 10.01
CA PHE A 142 -20.42 11.27 9.84
C PHE A 142 -20.22 11.02 8.35
N TRP A 143 -19.14 10.35 7.98
CA TRP A 143 -19.02 9.96 6.59
C TRP A 143 -18.48 8.57 6.37
N GLY A 144 -18.66 7.68 7.34
CA GLY A 144 -18.27 6.30 7.16
C GLY A 144 -17.33 5.81 8.24
N ARG A 145 -16.87 4.57 8.09
CA ARG A 145 -16.19 3.91 9.19
C ARG A 145 -14.78 3.40 8.89
N THR A 146 -14.13 3.91 7.84
CA THR A 146 -12.71 3.62 7.68
C THR A 146 -11.91 4.31 8.79
N LEU A 147 -10.64 3.94 8.92
CA LEU A 147 -9.75 4.57 9.89
C LEU A 147 -9.67 6.08 9.66
N SER A 148 -9.57 6.49 8.40
CA SER A 148 -9.52 7.92 8.09
C SER A 148 -10.82 8.63 8.47
N ALA A 149 -11.95 8.02 8.16
CA ALA A 149 -13.22 8.67 8.43
C ALA A 149 -13.44 8.86 9.92
N ILE A 150 -13.16 7.84 10.74
CA ILE A 150 -13.40 8.02 12.17
C ILE A 150 -12.35 8.96 12.80
N SER A 151 -11.27 9.22 12.09
CA SER A 151 -10.22 10.12 12.60
C SER A 151 -10.73 11.57 12.62
N SER A 152 -11.77 11.86 11.84
CA SER A 152 -12.36 13.20 11.84
C SER A 152 -13.61 13.29 12.71
N SER A 153 -13.97 12.18 13.36
CA SER A 153 -15.18 12.12 14.16
C SER A 153 -15.02 12.75 15.54
N THR A 154 -16.11 13.34 16.05
CA THR A 154 -16.13 13.79 17.44
C THR A 154 -17.05 12.89 18.29
N ASP A 155 -17.43 11.73 17.74
CA ASP A 155 -18.26 10.77 18.45
C ASP A 155 -17.40 9.61 18.96
N PRO A 156 -17.19 9.52 20.28
CA PRO A 156 -16.33 8.50 20.91
C PRO A 156 -16.68 7.08 20.47
N THR A 157 -17.96 6.81 20.28
CA THR A 157 -18.41 5.51 19.82
C THR A 157 -17.77 5.15 18.48
N SER A 158 -17.53 6.15 17.65
CA SER A 158 -16.89 5.90 16.36
C SER A 158 -15.38 5.69 16.46
N TYR A 159 -14.69 6.43 17.32
CA TYR A 159 -13.23 6.37 17.26
C TYR A 159 -12.54 5.66 18.43
N ASP A 160 -13.22 5.52 19.57
CA ASP A 160 -12.56 4.96 20.75
CA ASP A 160 -12.60 4.94 20.76
C ASP A 160 -12.08 3.53 20.49
N GLY A 161 -10.82 3.28 20.85
CA GLY A 161 -10.23 1.97 20.68
C GLY A 161 -9.74 1.64 19.27
N PHE A 162 -9.78 2.63 18.37
CA PHE A 162 -9.41 2.39 16.97
C PHE A 162 -8.20 3.19 16.52
N GLY A 163 -7.59 3.94 17.42
CA GLY A 163 -6.41 4.71 17.09
C GLY A 163 -5.14 3.90 16.91
N PRO A 164 -4.03 4.56 16.56
CA PRO A 164 -3.89 6.01 16.41
C PRO A 164 -4.56 6.57 15.14
N PHE A 165 -4.78 7.87 15.11
CA PHE A 165 -5.63 8.46 14.08
C PHE A 165 -4.89 9.19 12.98
N MET A 166 -5.57 9.35 11.84
CA MET A 166 -5.00 10.06 10.69
C MET A 166 -4.61 11.50 11.04
N PRO A 167 -3.35 11.87 10.78
CA PRO A 167 -2.88 13.26 10.99
C PRO A 167 -3.40 14.20 9.91
N GLY A 168 -3.41 15.49 10.19
CA GLY A 168 -3.79 16.47 9.17
C GLY A 168 -5.29 16.65 9.02
N PHE A 169 -6.04 16.07 9.96
CA PHE A 169 -7.48 16.24 9.99
C PHE A 169 -7.82 17.16 11.15
N ASP A 170 -8.30 18.37 10.87
CA ASP A 170 -8.64 19.31 11.93
C ASP A 170 -10.16 19.48 12.05
N ILE A 171 -10.63 19.71 13.28
CA ILE A 171 -12.07 19.79 13.52
C ILE A 171 -12.43 21.17 14.04
N ILE A 172 -13.53 21.73 13.52
CA ILE A 172 -14.07 23.00 14.01
C ILE A 172 -15.55 22.82 14.29
N PRO A 173 -16.17 23.73 15.04
CA PRO A 173 -17.61 23.54 15.24
C PRO A 173 -18.42 23.68 13.94
N TYR A 174 -19.55 22.99 13.86
CA TYR A 174 -20.49 23.14 12.75
C TYR A 174 -21.16 24.50 12.83
N ASN A 175 -21.64 25.01 11.70
CA ASN A 175 -22.47 26.21 11.70
C ASN A 175 -21.75 27.42 12.35
N ASP A 176 -20.46 27.55 12.06
CA ASP A 176 -19.60 28.52 12.73
C ASP A 176 -18.62 29.14 11.73
N LEU A 177 -19.02 30.23 11.10
CA LEU A 177 -18.21 30.87 10.08
C LEU A 177 -16.95 31.52 10.64
N PRO A 178 -17.04 32.19 11.81
CA PRO A 178 -15.80 32.70 12.40
C PRO A 178 -14.75 31.60 12.63
N ALA A 179 -15.18 30.46 13.16
CA ALA A 179 -14.26 29.33 13.36
C ALA A 179 -13.63 28.89 12.05
N LEU A 180 -14.43 28.81 10.99
CA LEU A 180 -13.92 28.41 9.69
C LEU A 180 -12.88 29.42 9.22
N GLU A 181 -13.23 30.70 9.34
CA GLU A 181 -12.32 31.76 8.89
C GLU A 181 -10.97 31.68 9.62
N ARG A 182 -11.01 31.47 10.94
CA ARG A 182 -9.76 31.34 11.70
C ARG A 182 -8.96 30.14 11.20
N ALA A 183 -9.63 29.01 10.97
CA ALA A 183 -8.91 27.82 10.52
C ALA A 183 -8.26 28.06 9.16
N LEU A 184 -8.93 28.78 8.28
CA LEU A 184 -8.43 28.95 6.91
C LEU A 184 -7.30 29.98 6.82
N GLN A 185 -6.92 30.55 7.95
CA GLN A 185 -5.76 31.43 8.03
C GLN A 185 -4.47 30.65 7.77
N ASP A 186 -4.49 29.36 8.09
CA ASP A 186 -3.35 28.49 7.81
C ASP A 186 -3.27 28.18 6.32
N PRO A 187 -2.20 28.60 5.65
CA PRO A 187 -2.09 28.36 4.20
C PRO A 187 -1.92 26.88 3.84
N ASN A 188 -1.68 26.02 4.83
CA ASN A 188 -1.51 24.59 4.57
C ASN A 188 -2.84 23.85 4.52
N VAL A 189 -3.96 24.54 4.75
CA VAL A 189 -5.26 23.90 4.63
C VAL A 189 -5.58 23.72 3.14
N ALA A 190 -5.89 22.49 2.76
CA ALA A 190 -6.22 22.17 1.36
C ALA A 190 -7.73 22.18 1.11
N ALA A 191 -8.51 21.86 2.13
CA ALA A 191 -9.94 21.63 1.92
C ALA A 191 -10.74 21.73 3.20
N PHE A 192 -12.03 21.94 3.02
CA PHE A 192 -12.99 21.89 4.10
C PHE A 192 -14.11 20.98 3.62
N MET A 193 -14.39 19.92 4.38
CA MET A 193 -15.41 18.97 4.00
C MET A 193 -16.56 19.12 4.96
N VAL A 194 -17.78 19.20 4.44
CA VAL A 194 -18.93 19.47 5.30
C VAL A 194 -20.26 18.97 4.71
N GLU A 195 -21.19 18.55 5.57
CA GLU A 195 -22.53 18.17 5.16
C GLU A 195 -23.41 19.41 5.16
N PRO A 196 -24.19 19.63 4.09
CA PRO A 196 -25.09 20.80 4.05
C PRO A 196 -26.13 20.74 5.15
N ILE A 197 -26.46 19.53 5.57
CA ILE A 197 -27.25 19.26 6.76
C ILE A 197 -26.63 18.01 7.38
N GLN A 198 -26.40 18.02 8.68
CA GLN A 198 -25.74 16.86 9.28
C GLN A 198 -26.74 15.76 9.59
N GLY A 199 -26.62 14.65 8.88
CA GLY A 199 -27.57 13.54 8.97
C GLY A 199 -27.57 12.79 10.29
N GLU A 200 -26.53 11.99 10.52
CA GLU A 200 -26.48 11.12 11.70
C GLU A 200 -26.29 11.90 12.99
N ALA A 201 -25.88 13.16 12.88
CA ALA A 201 -25.79 14.02 14.06
C ALA A 201 -27.20 14.30 14.60
N GLY A 202 -28.21 14.06 13.78
CA GLY A 202 -29.58 14.23 14.22
C GLY A 202 -30.31 15.28 13.42
N VAL A 203 -30.05 15.34 12.11
CA VAL A 203 -30.66 16.31 11.21
C VAL A 203 -30.40 17.72 11.72
N VAL A 204 -29.13 18.11 11.72
CA VAL A 204 -28.74 19.42 12.20
C VAL A 204 -28.64 20.40 11.03
N VAL A 205 -29.62 21.30 10.97
CA VAL A 205 -29.72 22.29 9.90
C VAL A 205 -28.97 23.55 10.29
N PRO A 206 -27.96 23.93 9.50
CA PRO A 206 -27.22 25.15 9.82
C PRO A 206 -28.06 26.39 9.49
N ASP A 207 -27.72 27.53 10.08
CA ASP A 207 -28.49 28.76 9.83
C ASP A 207 -28.41 29.21 8.36
N PRO A 208 -29.46 29.90 7.87
CA PRO A 208 -29.45 30.47 6.52
C PRO A 208 -28.21 31.30 6.28
N GLY A 209 -27.55 31.12 5.14
CA GLY A 209 -26.31 31.82 4.86
C GLY A 209 -25.02 31.08 5.20
N TYR A 210 -25.11 30.00 5.98
CA TYR A 210 -23.91 29.26 6.35
C TYR A 210 -23.17 28.75 5.11
N LEU A 211 -23.90 28.10 4.21
CA LEU A 211 -23.31 27.53 3.01
C LEU A 211 -22.73 28.60 2.09
N MET A 212 -23.45 29.71 1.97
CA MET A 212 -22.97 30.84 1.18
C MET A 212 -21.66 31.34 1.78
N GLY A 213 -21.61 31.44 3.11
CA GLY A 213 -20.42 31.89 3.81
C GLY A 213 -19.26 30.93 3.67
N VAL A 214 -19.54 29.64 3.77
CA VAL A 214 -18.48 28.64 3.57
C VAL A 214 -17.88 28.78 2.19
N ARG A 215 -18.75 28.91 1.18
CA ARG A 215 -18.32 29.07 -0.20
C ARG A 215 -17.41 30.29 -0.35
N GLU A 216 -17.79 31.38 0.29
CA GLU A 216 -17.03 32.61 0.16
C GLU A 216 -15.66 32.47 0.81
N LEU A 217 -15.62 31.89 2.01
CA LEU A 217 -14.36 31.73 2.73
C LEU A 217 -13.41 30.80 1.98
N CYS A 218 -13.94 29.70 1.48
CA CYS A 218 -13.11 28.75 0.74
C CYS A 218 -12.53 29.39 -0.52
N THR A 219 -13.36 30.09 -1.27
CA THR A 219 -12.85 30.76 -2.47
C THR A 219 -11.80 31.83 -2.11
N ARG A 220 -12.05 32.62 -1.08
CA ARG A 220 -11.08 33.66 -0.71
C ARG A 220 -9.69 33.09 -0.39
N HIS A 221 -9.67 31.98 0.34
CA HIS A 221 -8.40 31.47 0.85
C HIS A 221 -7.82 30.33 0.02
N GLN A 222 -8.39 30.12 -1.18
CA GLN A 222 -7.92 29.09 -2.09
C GLN A 222 -7.97 27.72 -1.39
N VAL A 223 -9.15 27.40 -0.85
CA VAL A 223 -9.39 26.13 -0.18
C VAL A 223 -10.51 25.39 -0.91
N LEU A 224 -10.38 24.07 -1.10
CA LEU A 224 -11.45 23.35 -1.77
C LEU A 224 -12.65 23.13 -0.85
N PHE A 225 -13.82 23.47 -1.35
CA PHE A 225 -15.08 23.19 -0.67
C PHE A 225 -15.63 21.84 -1.10
N ILE A 226 -15.53 20.88 -0.18
CA ILE A 226 -16.08 19.54 -0.41
C ILE A 226 -17.43 19.41 0.26
N ALA A 227 -18.47 19.24 -0.54
CA ALA A 227 -19.81 19.06 -0.01
C ALA A 227 -20.20 17.58 -0.03
N ASP A 228 -20.50 17.06 1.14
CA ASP A 228 -20.91 15.68 1.25
C ASP A 228 -22.42 15.61 1.14
N GLU A 229 -22.90 15.27 -0.05
CA GLU A 229 -24.33 15.17 -0.28
C GLU A 229 -24.75 13.72 -0.40
N ILE A 230 -23.98 12.83 0.21
CA ILE A 230 -24.29 11.41 0.13
C ILE A 230 -25.66 11.12 0.75
N GLN A 231 -26.04 11.84 1.80
CA GLN A 231 -27.38 11.64 2.39
C GLN A 231 -28.36 12.75 2.01
N THR A 232 -27.86 13.98 1.82
CA THR A 232 -28.77 15.11 1.61
C THR A 232 -29.16 15.31 0.16
N GLY A 233 -28.37 14.74 -0.75
CA GLY A 233 -28.57 14.98 -2.17
C GLY A 233 -29.70 14.18 -2.78
N LEU A 234 -29.79 14.23 -4.11
CA LEU A 234 -30.72 13.40 -4.86
C LEU A 234 -32.17 13.52 -4.37
N ALA A 235 -32.61 14.77 -4.19
CA ALA A 235 -34.01 15.14 -3.95
C ALA A 235 -34.49 14.98 -2.50
N ARG A 236 -33.70 14.34 -1.64
CA ARG A 236 -34.14 14.08 -0.27
C ARG A 236 -34.55 15.36 0.47
N THR A 237 -33.82 16.46 0.23
CA THR A 237 -34.13 17.72 0.94
C THR A 237 -35.00 18.67 0.12
N GLY A 238 -35.40 18.27 -1.07
CA GLY A 238 -36.28 19.11 -1.88
C GLY A 238 -35.63 19.76 -3.08
N ARG A 239 -34.34 19.52 -3.27
CA ARG A 239 -33.63 19.99 -4.47
C ARG A 239 -32.76 18.86 -4.96
N TRP A 240 -32.13 19.03 -6.11
CA TRP A 240 -31.15 18.06 -6.57
C TRP A 240 -30.04 17.91 -5.52
N LEU A 241 -29.58 19.04 -4.99
CA LEU A 241 -28.60 19.06 -3.92
C LEU A 241 -29.07 20.05 -2.87
N ALA A 242 -28.86 19.74 -1.59
CA ALA A 242 -29.23 20.67 -0.52
C ALA A 242 -28.52 22.02 -0.72
N VAL A 243 -27.33 21.93 -1.28
CA VAL A 243 -26.48 23.06 -1.61
C VAL A 243 -27.17 24.04 -2.60
N ASP A 244 -28.18 23.56 -3.33
CA ASP A 244 -28.92 24.37 -4.30
C ASP A 244 -29.80 25.44 -3.66
N TYR A 245 -30.19 25.24 -2.41
CA TYR A 245 -31.03 26.22 -1.69
C TYR A 245 -30.39 27.61 -1.60
N GLU A 246 -29.07 27.68 -1.54
CA GLU A 246 -28.38 28.97 -1.46
C GLU A 246 -27.51 29.20 -2.68
N ASN A 247 -27.85 28.52 -3.79
CA ASN A 247 -27.13 28.66 -5.06
C ASN A 247 -25.64 28.41 -5.00
N VAL A 248 -25.19 27.56 -4.08
CA VAL A 248 -23.76 27.38 -3.88
C VAL A 248 -23.17 26.26 -4.73
N ARG A 249 -22.03 26.50 -5.36
CA ARG A 249 -21.35 25.48 -6.14
C ARG A 249 -20.06 25.04 -5.45
N PRO A 250 -20.10 23.87 -4.79
CA PRO A 250 -18.91 23.29 -4.14
C PRO A 250 -17.85 22.95 -5.16
N ASP A 251 -16.58 22.88 -4.75
CA ASP A 251 -15.52 22.41 -5.65
C ASP A 251 -15.61 20.91 -5.93
N ILE A 252 -15.98 20.13 -4.92
CA ILE A 252 -16.16 18.67 -5.07
C ILE A 252 -17.52 18.30 -4.48
N VAL A 253 -18.32 17.54 -5.23
CA VAL A 253 -19.58 17.04 -4.65
C VAL A 253 -19.52 15.53 -4.52
N LEU A 254 -19.95 15.00 -3.36
CA LEU A 254 -19.99 13.56 -3.12
C LEU A 254 -21.41 13.07 -3.19
N LEU A 255 -21.64 12.00 -3.94
CA LEU A 255 -22.96 11.39 -4.02
C LEU A 255 -22.86 9.90 -3.72
N GLY A 256 -23.92 9.32 -3.19
CA GLY A 256 -23.91 7.90 -2.88
C GLY A 256 -25.32 7.46 -2.57
N LYS A 257 -25.46 6.43 -1.74
CA LYS A 257 -26.76 5.96 -1.20
C LYS A 257 -27.85 5.87 -2.26
N ALA A 258 -28.66 6.92 -2.41
CA ALA A 258 -29.79 6.85 -3.33
C ALA A 258 -29.40 6.93 -4.81
N LEU A 259 -28.11 7.10 -5.10
CA LEU A 259 -27.63 7.12 -6.48
C LEU A 259 -27.99 5.82 -7.20
N SER A 260 -28.33 4.77 -6.45
CA SER A 260 -28.70 3.49 -7.07
C SER A 260 -30.09 3.03 -6.71
N GLY A 261 -30.79 3.83 -5.92
CA GLY A 261 -32.11 3.46 -5.45
C GLY A 261 -32.08 2.24 -4.55
N GLY A 262 -30.90 1.91 -4.03
CA GLY A 262 -30.77 0.78 -3.12
C GLY A 262 -30.49 -0.55 -3.78
N LEU A 263 -30.30 -0.54 -5.10
CA LEU A 263 -30.07 -1.78 -5.84
C LEU A 263 -28.62 -2.18 -5.97
N TYR A 264 -27.69 -1.26 -5.67
CA TYR A 264 -26.29 -1.53 -5.95
C TYR A 264 -25.43 -0.48 -5.26
N PRO A 265 -24.28 -0.87 -4.71
CA PRO A 265 -23.47 0.20 -4.09
C PRO A 265 -22.76 1.04 -5.13
N VAL A 266 -23.26 2.25 -5.37
CA VAL A 266 -22.67 3.18 -6.32
C VAL A 266 -22.46 4.53 -5.65
N SER A 267 -21.26 5.08 -5.75
CA SER A 267 -21.02 6.44 -5.27
C SER A 267 -20.24 7.22 -6.31
N ALA A 268 -20.20 8.55 -6.18
CA ALA A 268 -19.54 9.37 -7.19
C ALA A 268 -18.85 10.58 -6.57
N VAL A 269 -17.71 10.95 -7.16
CA VAL A 269 -17.01 12.18 -6.84
C VAL A 269 -17.03 13.11 -8.06
N LEU A 270 -17.69 14.26 -7.93
CA LEU A 270 -17.81 15.25 -9.03
C LEU A 270 -16.95 16.47 -8.81
N CYS A 271 -16.15 16.83 -9.81
CA CYS A 271 -15.36 18.07 -9.76
C CYS A 271 -14.77 18.41 -11.13
N ASP A 272 -14.30 19.66 -11.29
CA ASP A 272 -13.73 20.12 -12.55
C ASP A 272 -12.30 19.60 -12.79
N ASP A 273 -11.81 19.79 -14.02
CA ASP A 273 -10.54 19.21 -14.47
C ASP A 273 -9.35 19.62 -13.60
N ASP A 274 -9.32 20.89 -13.19
CA ASP A 274 -8.19 21.43 -12.42
C ASP A 274 -7.91 20.65 -11.14
N ILE A 275 -8.96 20.08 -10.58
CA ILE A 275 -8.86 19.24 -9.39
C ILE A 275 -8.77 17.76 -9.80
N MET A 276 -9.73 17.30 -10.61
CA MET A 276 -9.80 15.87 -10.94
C MET A 276 -8.50 15.34 -11.54
N LEU A 277 -7.86 16.13 -12.39
CA LEU A 277 -6.73 15.61 -13.14
C LEU A 277 -5.40 15.68 -12.37
N THR A 278 -5.47 16.06 -11.09
CA THR A 278 -4.28 15.97 -10.24
C THR A 278 -3.91 14.50 -10.01
N ILE A 279 -4.89 13.62 -10.13
CA ILE A 279 -4.65 12.19 -10.01
C ILE A 279 -4.36 11.57 -11.39
N LYS A 280 -3.18 11.01 -11.55
CA LYS A 280 -2.71 10.46 -12.82
C LYS A 280 -3.04 8.98 -12.92
N PRO A 281 -2.97 8.40 -14.13
CA PRO A 281 -3.28 6.96 -14.27
C PRO A 281 -2.48 6.08 -13.31
N GLY A 282 -3.17 5.14 -12.66
CA GLY A 282 -2.52 4.23 -11.74
C GLY A 282 -2.50 4.73 -10.30
N GLU A 283 -2.89 5.98 -10.09
CA GLU A 283 -2.75 6.61 -8.77
C GLU A 283 -4.00 6.54 -7.87
N HIS A 284 -5.06 5.92 -8.37
CA HIS A 284 -6.25 5.71 -7.55
C HIS A 284 -7.21 4.77 -8.27
N GLY A 285 -7.95 3.97 -7.50
CA GLY A 285 -8.90 3.08 -8.14
C GLY A 285 -9.70 2.25 -7.17
N SER A 286 -10.42 1.29 -7.74
CA SER A 286 -11.28 0.39 -7.00
C SER A 286 -11.76 -0.69 -7.95
N THR A 287 -11.75 -1.95 -7.51
CA THR A 287 -12.08 -3.03 -8.42
C THR A 287 -13.48 -2.86 -9.05
N TYR A 288 -14.50 -2.67 -8.23
CA TYR A 288 -15.88 -2.56 -8.72
C TYR A 288 -16.30 -1.14 -9.12
N GLY A 289 -15.43 -0.15 -8.90
CA GLY A 289 -15.80 1.23 -9.21
C GLY A 289 -16.02 1.43 -10.72
N GLY A 290 -17.19 1.92 -11.09
CA GLY A 290 -17.48 2.22 -12.49
C GLY A 290 -17.87 1.02 -13.32
N ASN A 291 -18.26 -0.07 -12.65
CA ASN A 291 -18.67 -1.29 -13.37
C ASN A 291 -19.99 -1.07 -14.13
N PRO A 292 -20.19 -1.80 -15.24
CA PRO A 292 -21.35 -1.48 -16.09
C PRO A 292 -22.70 -1.78 -15.46
N LEU A 293 -22.77 -2.75 -14.55
CA LEU A 293 -24.04 -3.05 -13.90
C LEU A 293 -24.51 -1.91 -13.00
N GLY A 294 -23.63 -1.44 -12.12
CA GLY A 294 -23.95 -0.30 -11.28
C GLY A 294 -24.24 0.96 -12.09
N CYS A 295 -23.56 1.15 -13.21
CA CYS A 295 -23.80 2.34 -14.05
C CYS A 295 -25.22 2.35 -14.63
N ARG A 296 -25.70 1.21 -15.11
CA ARG A 296 -27.04 1.15 -15.68
C ARG A 296 -28.06 1.43 -14.59
N VAL A 297 -27.78 0.91 -13.40
CA VAL A 297 -28.66 1.12 -12.26
C VAL A 297 -28.73 2.59 -11.86
N ALA A 298 -27.58 3.25 -11.86
CA ALA A 298 -27.48 4.64 -11.44
C ALA A 298 -28.19 5.57 -12.43
N ILE A 299 -28.01 5.29 -13.72
CA ILE A 299 -28.68 6.08 -14.75
C ILE A 299 -30.19 6.00 -14.55
N ALA A 300 -30.70 4.79 -14.36
CA ALA A 300 -32.13 4.60 -14.13
C ALA A 300 -32.59 5.29 -12.84
N ALA A 301 -31.80 5.15 -11.78
CA ALA A 301 -32.14 5.79 -10.49
C ALA A 301 -32.24 7.31 -10.62
N LEU A 302 -31.28 7.92 -11.30
CA LEU A 302 -31.29 9.35 -11.52
C LEU A 302 -32.51 9.77 -12.36
N GLU A 303 -32.79 9.02 -13.42
CA GLU A 303 -33.94 9.33 -14.28
C GLU A 303 -35.25 9.31 -13.51
N VAL A 304 -35.42 8.34 -12.61
CA VAL A 304 -36.62 8.28 -11.78
C VAL A 304 -36.83 9.53 -10.92
N LEU A 305 -35.75 10.02 -10.32
CA LEU A 305 -35.83 11.21 -9.48
C LEU A 305 -36.33 12.41 -10.28
N GLU A 306 -35.86 12.48 -11.53
CA GLU A 306 -36.24 13.54 -12.45
C GLU A 306 -37.68 13.38 -12.92
N GLU A 307 -37.95 12.24 -13.56
CA GLU A 307 -39.24 12.00 -14.22
C GLU A 307 -40.44 12.10 -13.28
N GLU A 308 -40.26 11.66 -12.04
CA GLU A 308 -41.37 11.67 -11.11
C GLU A 308 -41.36 12.91 -10.22
N ASN A 309 -40.47 13.85 -10.53
CA ASN A 309 -40.35 15.13 -9.81
C ASN A 309 -40.30 15.00 -8.29
N LEU A 310 -39.48 14.07 -7.82
CA LEU A 310 -39.47 13.72 -6.40
C LEU A 310 -38.97 14.86 -5.51
N ALA A 311 -38.12 15.73 -6.05
CA ALA A 311 -37.62 16.87 -5.28
C ALA A 311 -38.77 17.81 -4.92
N GLU A 312 -39.55 18.20 -5.94
CA GLU A 312 -40.77 18.96 -5.72
C GLU A 312 -41.68 18.31 -4.67
N ASN A 313 -41.89 17.00 -4.79
CA ASN A 313 -42.74 16.28 -3.85
C ASN A 313 -42.19 16.35 -2.43
N ALA A 314 -40.88 16.17 -2.29
CA ALA A 314 -40.24 16.18 -0.98
C ALA A 314 -40.37 17.54 -0.32
N ASP A 315 -40.29 18.59 -1.14
CA ASP A 315 -40.44 19.93 -0.64
C ASP A 315 -41.85 20.15 -0.07
N LYS A 316 -42.88 19.93 -0.90
CA LYS A 316 -44.25 20.13 -0.47
C LYS A 316 -44.65 19.28 0.74
N LEU A 317 -44.31 17.99 0.69
CA LEU A 317 -44.75 17.07 1.73
C LEU A 317 -43.95 17.27 3.01
N GLY A 318 -42.71 17.69 2.86
CA GLY A 318 -41.89 18.03 4.02
C GLY A 318 -42.52 19.13 4.84
N ILE A 319 -43.04 20.15 4.15
CA ILE A 319 -43.71 21.27 4.82
C ILE A 319 -44.88 20.77 5.66
N ILE A 320 -45.69 19.90 5.08
CA ILE A 320 -46.82 19.33 5.80
C ILE A 320 -46.35 18.54 7.03
N LEU A 321 -45.34 17.70 6.82
CA LEU A 321 -44.85 16.85 7.90
C LEU A 321 -44.38 17.70 9.08
N ARG A 322 -43.60 18.73 8.81
CA ARG A 322 -43.08 19.55 9.90
C ARG A 322 -44.20 20.36 10.56
N ASN A 323 -45.13 20.86 9.75
CA ASN A 323 -46.27 21.60 10.28
C ASN A 323 -47.11 20.75 11.20
N GLU A 324 -47.40 19.52 10.79
CA GLU A 324 -48.22 18.65 11.63
C GLU A 324 -47.46 18.19 12.86
N LEU A 325 -46.17 17.92 12.71
CA LEU A 325 -45.34 17.52 13.86
C LEU A 325 -45.27 18.64 14.90
N MET A 326 -45.23 19.89 14.43
CA MET A 326 -45.12 21.01 15.35
C MET A 326 -46.39 21.23 16.19
N LYS A 327 -47.44 20.48 15.91
CA LYS A 327 -48.66 20.59 16.69
C LYS A 327 -48.56 19.80 17.99
N LEU A 328 -47.58 18.91 18.06
CA LEU A 328 -47.36 18.13 19.29
C LEU A 328 -46.95 19.06 20.44
N PRO A 329 -47.37 18.70 21.67
CA PRO A 329 -47.13 19.51 22.87
C PRO A 329 -45.67 19.83 23.10
N SER A 330 -45.38 21.11 23.32
CA SER A 330 -44.04 21.60 23.65
C SER A 330 -43.47 20.79 24.81
N ASP A 331 -44.37 20.41 25.70
CA ASP A 331 -44.10 19.50 26.80
C ASP A 331 -43.31 18.26 26.38
N VAL A 332 -43.70 17.68 25.25
CA VAL A 332 -43.28 16.32 24.88
C VAL A 332 -42.29 16.28 23.72
N VAL A 333 -42.56 17.06 22.68
CA VAL A 333 -41.66 17.18 21.55
C VAL A 333 -41.04 18.57 21.55
N THR A 334 -39.79 18.65 22.01
CA THR A 334 -39.15 19.94 22.25
C THR A 334 -38.63 20.60 20.97
N ALA A 335 -38.41 19.82 19.91
CA ALA A 335 -37.95 20.41 18.66
C ALA A 335 -38.39 19.64 17.43
N VAL A 336 -38.63 20.37 16.35
CA VAL A 336 -38.91 19.77 15.05
C VAL A 336 -37.99 20.42 14.04
N ARG A 337 -37.25 19.63 13.28
CA ARG A 337 -36.38 20.24 12.27
C ARG A 337 -36.22 19.38 11.03
N GLY A 338 -35.83 20.02 9.94
CA GLY A 338 -35.57 19.33 8.70
C GLY A 338 -35.76 20.20 7.47
N LYS A 339 -35.36 19.66 6.33
CA LYS A 339 -35.65 20.22 5.02
C LYS A 339 -36.15 19.10 4.13
N GLY A 340 -37.12 19.39 3.28
CA GLY A 340 -37.68 18.38 2.41
C GLY A 340 -38.17 17.22 3.27
N LEU A 341 -37.88 15.99 2.85
CA LEU A 341 -38.31 14.82 3.62
C LEU A 341 -37.16 14.21 4.44
N LEU A 342 -36.19 15.05 4.81
CA LEU A 342 -35.20 14.67 5.81
C LEU A 342 -35.51 15.43 7.10
N ASN A 343 -36.12 14.74 8.05
CA ASN A 343 -36.64 15.41 9.23
C ASN A 343 -36.40 14.67 10.54
N ALA A 344 -36.52 15.40 11.65
CA ALA A 344 -36.38 14.79 12.96
C ALA A 344 -37.18 15.53 14.03
N ILE A 345 -37.51 14.83 15.10
CA ILE A 345 -38.08 15.49 16.28
C ILE A 345 -37.19 15.22 17.47
N VAL A 346 -37.20 16.14 18.42
CA VAL A 346 -36.50 15.95 19.68
C VAL A 346 -37.54 15.87 20.78
N ILE A 347 -37.50 14.80 21.55
CA ILE A 347 -38.44 14.61 22.65
C ILE A 347 -37.80 15.02 23.98
N LYS A 348 -38.61 15.40 24.96
CA LYS A 348 -38.05 15.73 26.26
C LYS A 348 -37.88 14.40 26.98
N GLU A 349 -36.67 13.85 26.84
CA GLU A 349 -36.36 12.52 27.35
C GLU A 349 -36.34 12.52 28.87
N THR A 350 -37.16 11.65 29.44
CA THR A 350 -37.14 11.41 30.88
C THR A 350 -36.30 10.17 31.14
N LYS A 351 -36.12 9.83 32.41
CA LYS A 351 -35.34 8.65 32.76
C LYS A 351 -36.05 7.36 32.38
N ASP A 352 -37.38 7.42 32.30
CA ASP A 352 -38.20 6.24 31.98
C ASP A 352 -38.57 6.15 30.50
N TRP A 353 -38.60 7.31 29.85
CA TRP A 353 -39.15 7.43 28.51
C TRP A 353 -38.13 7.99 27.53
N ASP A 354 -37.80 7.21 26.50
CA ASP A 354 -36.77 7.63 25.56
C ASP A 354 -37.14 7.31 24.12
N ALA A 355 -36.31 7.80 23.20
CA ALA A 355 -36.52 7.65 21.76
C ALA A 355 -36.63 6.18 21.33
N TRP A 356 -35.82 5.32 21.94
CA TRP A 356 -35.87 3.89 21.62
C TRP A 356 -37.27 3.34 21.90
N LYS A 357 -37.78 3.66 23.09
CA LYS A 357 -39.09 3.14 23.49
C LYS A 357 -40.19 3.63 22.56
N VAL A 358 -40.11 4.89 22.15
CA VAL A 358 -41.05 5.44 21.19
C VAL A 358 -41.02 4.67 19.88
N CYS A 359 -39.81 4.39 19.41
CA CYS A 359 -39.64 3.70 18.14
C CYS A 359 -40.11 2.26 18.24
N LEU A 360 -39.92 1.64 19.41
CA LEU A 360 -40.43 0.28 19.60
C LEU A 360 -41.95 0.28 19.46
N ARG A 361 -42.60 1.33 19.99
CA ARG A 361 -44.06 1.42 19.91
C ARG A 361 -44.53 1.88 18.52
N LEU A 362 -43.76 2.73 17.87
CA LEU A 362 -44.07 3.10 16.48
C LEU A 362 -44.07 1.86 15.60
N ARG A 363 -43.12 0.96 15.85
CA ARG A 363 -43.06 -0.31 15.14
C ARG A 363 -44.34 -1.07 15.36
N ASP A 364 -44.73 -1.18 16.63
CA ASP A 364 -45.94 -1.92 17.00
C ASP A 364 -47.17 -1.34 16.31
N ASN A 365 -47.10 -0.06 15.94
CA ASN A 365 -48.22 0.62 15.31
C ASN A 365 -48.11 0.75 13.80
N GLY A 366 -47.09 0.11 13.20
CA GLY A 366 -46.96 0.04 11.75
C GLY A 366 -46.02 1.04 11.08
N LEU A 367 -45.08 1.59 11.84
CA LEU A 367 -44.17 2.57 11.29
C LEU A 367 -42.76 2.35 11.81
N LEU A 368 -41.80 2.25 10.90
CA LEU A 368 -40.41 1.97 11.28
C LEU A 368 -39.55 3.21 11.22
N ALA A 369 -38.89 3.50 12.33
CA ALA A 369 -38.00 4.65 12.43
C ALA A 369 -36.89 4.32 13.40
N LYS A 370 -35.78 5.05 13.28
CA LYS A 370 -34.63 4.78 14.11
C LYS A 370 -34.26 6.03 14.89
N PRO A 371 -33.97 5.89 16.18
CA PRO A 371 -33.53 7.04 16.96
C PRO A 371 -32.05 7.34 16.81
N THR A 372 -31.68 8.62 16.96
CA THR A 372 -30.30 8.99 17.20
C THR A 372 -30.16 9.38 18.66
N HIS A 373 -29.44 8.57 19.42
CA HIS A 373 -29.27 8.76 20.87
C HIS A 373 -30.61 8.73 21.60
N GLY A 374 -30.66 9.29 22.80
CA GLY A 374 -31.83 9.12 23.64
C GLY A 374 -33.00 10.03 23.33
N ASP A 375 -32.78 11.09 22.57
CA ASP A 375 -33.81 12.13 22.42
C ASP A 375 -34.13 12.54 20.99
N ILE A 376 -33.60 11.85 19.98
CA ILE A 376 -33.89 12.25 18.60
C ILE A 376 -34.43 11.11 17.75
N ILE A 377 -35.57 11.36 17.12
CA ILE A 377 -36.14 10.40 16.20
C ILE A 377 -36.13 10.98 14.79
N ARG A 378 -35.58 10.23 13.86
CA ARG A 378 -35.53 10.68 12.48
C ARG A 378 -36.76 10.18 11.72
N PHE A 379 -37.31 11.04 10.87
CA PHE A 379 -38.40 10.68 9.99
C PHE A 379 -38.01 10.95 8.54
N ALA A 380 -37.83 9.89 7.77
CA ALA A 380 -37.36 10.03 6.41
C ALA A 380 -37.93 8.94 5.50
N PRO A 381 -39.20 9.09 5.09
CA PRO A 381 -39.82 8.09 4.22
C PRO A 381 -39.36 8.23 2.78
N PRO A 382 -39.58 7.21 1.94
CA PRO A 382 -39.18 7.34 0.54
C PRO A 382 -39.90 8.51 -0.12
N LEU A 383 -39.30 9.11 -1.14
CA LEU A 383 -39.81 10.37 -1.71
C LEU A 383 -41.01 10.13 -2.63
N VAL A 384 -41.38 8.87 -2.83
CA VAL A 384 -42.55 8.54 -3.64
C VAL A 384 -43.82 8.51 -2.79
N ILE A 385 -43.70 8.87 -1.51
CA ILE A 385 -44.84 8.85 -0.62
C ILE A 385 -45.87 9.90 -1.07
N LYS A 386 -47.15 9.55 -0.99
CA LYS A 386 -48.22 10.47 -1.34
C LYS A 386 -48.77 11.14 -0.08
N GLU A 387 -49.46 12.26 -0.27
CA GLU A 387 -49.94 13.05 0.84
C GLU A 387 -50.86 12.25 1.77
N ASP A 388 -51.78 11.49 1.20
CA ASP A 388 -52.71 10.71 2.01
C ASP A 388 -51.94 9.69 2.85
N GLU A 389 -50.97 9.04 2.23
CA GLU A 389 -50.12 8.09 2.91
C GLU A 389 -49.35 8.76 4.04
N LEU A 390 -48.81 9.93 3.74
CA LEU A 390 -48.07 10.74 4.71
C LEU A 390 -48.94 11.09 5.92
N ARG A 391 -50.18 11.47 5.65
CA ARG A 391 -51.06 11.89 6.73
C ARG A 391 -51.48 10.68 7.54
N GLU A 392 -51.58 9.52 6.89
CA GLU A 392 -51.85 8.30 7.63
C GLU A 392 -50.71 8.04 8.62
N SER A 393 -49.48 8.18 8.13
CA SER A 393 -48.29 8.02 8.96
C SER A 393 -48.26 9.01 10.12
N ILE A 394 -48.60 10.26 9.81
CA ILE A 394 -48.62 11.33 10.81
C ILE A 394 -49.56 10.96 11.96
N GLU A 395 -50.73 10.41 11.61
CA GLU A 395 -51.68 9.95 12.61
C GLU A 395 -51.04 8.93 13.54
N ILE A 396 -50.32 7.97 12.94
CA ILE A 396 -49.64 6.92 13.68
C ILE A 396 -48.61 7.53 14.63
N ILE A 397 -47.86 8.49 14.13
CA ILE A 397 -46.89 9.20 14.93
C ILE A 397 -47.57 9.91 16.10
N ASN A 398 -48.67 10.59 15.80
CA ASN A 398 -49.44 11.33 16.80
C ASN A 398 -49.90 10.46 17.96
N LYS A 399 -50.62 9.39 17.63
CA LYS A 399 -51.20 8.53 18.66
C LYS A 399 -50.12 7.83 19.48
N THR A 400 -49.00 7.50 18.84
CA THR A 400 -47.89 6.85 19.52
C THR A 400 -47.28 7.77 20.58
N ILE A 401 -47.02 9.02 20.19
CA ILE A 401 -46.42 9.99 21.10
C ILE A 401 -47.31 10.25 22.32
N LEU A 402 -48.60 10.45 22.06
CA LEU A 402 -49.55 10.81 23.10
C LEU A 402 -49.92 9.63 23.99
N SER A 403 -49.60 8.42 23.56
CA SER A 403 -49.92 7.24 24.35
C SER A 403 -48.96 7.02 25.52
N PHE A 404 -47.90 7.81 25.60
CA PHE A 404 -46.95 7.71 26.71
C PHE A 404 -47.33 8.65 27.86
N GLY B 1 -25.61 6.51 -35.61
CA GLY B 1 -24.98 5.21 -35.45
C GLY B 1 -24.56 4.92 -34.02
N PRO B 2 -24.19 3.66 -33.74
CA PRO B 2 -23.69 3.23 -32.43
C PRO B 2 -22.19 3.53 -32.28
N PRO B 3 -21.73 3.81 -31.05
CA PRO B 3 -20.35 4.22 -30.81
C PRO B 3 -19.34 3.17 -31.23
N THR B 4 -18.25 3.62 -31.84
CA THR B 4 -17.12 2.73 -32.13
C THR B 4 -16.26 2.62 -30.89
N SER B 5 -15.16 1.89 -30.99
CA SER B 5 -14.22 1.82 -29.87
C SER B 5 -13.62 3.19 -29.62
N ASP B 6 -13.19 3.87 -30.68
CA ASP B 6 -12.60 5.19 -30.53
CA ASP B 6 -12.61 5.20 -30.55
C ASP B 6 -13.57 6.20 -29.92
N ASP B 7 -14.85 6.08 -30.27
CA ASP B 7 -15.85 6.95 -29.65
C ASP B 7 -15.91 6.72 -28.14
N ILE B 8 -15.84 5.46 -27.75
CA ILE B 8 -15.98 5.11 -26.34
C ILE B 8 -14.80 5.66 -25.53
N PHE B 9 -13.59 5.47 -26.06
CA PHE B 9 -12.37 5.99 -25.46
C PHE B 9 -12.48 7.49 -25.27
N GLU B 10 -12.92 8.19 -26.32
CA GLU B 10 -13.02 9.65 -26.28
C GLU B 10 -14.01 10.15 -25.25
N ARG B 11 -15.17 9.52 -25.17
CA ARG B 11 -16.18 9.94 -24.23
C ARG B 11 -15.66 9.84 -22.77
N GLU B 12 -15.02 8.73 -22.43
CA GLU B 12 -14.51 8.57 -21.06
C GLU B 12 -13.39 9.56 -20.77
N TYR B 13 -12.56 9.83 -21.78
CA TYR B 13 -11.45 10.75 -21.64
C TYR B 13 -11.98 12.15 -21.31
N LYS B 14 -13.17 12.46 -21.80
CA LYS B 14 -13.76 13.77 -21.60
C LYS B 14 -14.54 13.87 -20.29
N TYR B 15 -15.28 12.83 -19.93
CA TYR B 15 -16.18 12.97 -18.79
C TYR B 15 -15.76 12.18 -17.56
N GLY B 16 -14.73 11.35 -17.71
CA GLY B 16 -14.29 10.51 -16.61
C GLY B 16 -12.92 10.88 -16.08
N ALA B 17 -12.70 10.66 -14.79
CA ALA B 17 -11.37 10.84 -14.21
C ALA B 17 -10.33 10.02 -14.95
N HIS B 18 -9.09 10.50 -14.98
CA HIS B 18 -8.02 9.77 -15.65
C HIS B 18 -7.18 8.92 -14.68
N ASN B 19 -7.84 8.21 -13.78
CA ASN B 19 -7.08 7.49 -12.77
C ASN B 19 -6.66 6.08 -13.19
N TYR B 20 -7.04 5.64 -14.38
CA TYR B 20 -6.62 4.33 -14.92
C TYR B 20 -5.81 4.45 -16.22
N HIS B 21 -4.98 3.44 -16.47
CA HIS B 21 -4.27 3.30 -17.74
C HIS B 21 -4.73 2.02 -18.45
N PRO B 22 -5.90 2.07 -19.08
CA PRO B 22 -6.53 0.85 -19.61
C PRO B 22 -5.90 0.35 -20.91
N LEU B 23 -6.03 -0.96 -21.15
CA LEU B 23 -5.75 -1.52 -22.47
C LEU B 23 -6.84 -1.02 -23.42
N PRO B 24 -6.44 -0.49 -24.59
CA PRO B 24 -7.45 0.03 -25.53
C PRO B 24 -8.28 -1.08 -26.21
N VAL B 25 -9.34 -1.48 -25.54
CA VAL B 25 -10.32 -2.41 -26.06
C VAL B 25 -11.63 -2.08 -25.38
N ALA B 26 -12.75 -2.17 -26.11
CA ALA B 26 -14.04 -1.76 -25.56
C ALA B 26 -15.08 -2.88 -25.59
N LEU B 27 -15.33 -3.49 -24.43
CA LEU B 27 -16.17 -4.68 -24.36
C LEU B 27 -17.66 -4.36 -24.14
N GLU B 28 -18.54 -5.17 -24.71
CA GLU B 28 -19.98 -4.98 -24.48
C GLU B 28 -20.67 -6.25 -23.99
N ARG B 29 -19.98 -7.38 -24.04
CA ARG B 29 -20.56 -8.61 -23.55
CA ARG B 29 -20.56 -8.66 -23.66
C ARG B 29 -19.51 -9.59 -23.04
N GLY B 30 -19.91 -10.35 -22.03
CA GLY B 30 -19.07 -11.40 -21.50
C GLY B 30 -19.86 -12.65 -21.15
N LYS B 31 -19.25 -13.80 -21.37
CA LYS B 31 -19.90 -15.05 -20.99
C LYS B 31 -18.85 -16.11 -20.76
N GLY B 32 -18.78 -16.62 -19.55
CA GLY B 32 -17.76 -17.59 -19.21
C GLY B 32 -16.37 -17.00 -19.38
N ILE B 33 -15.55 -17.66 -20.19
CA ILE B 33 -14.17 -17.23 -20.33
C ILE B 33 -14.00 -16.13 -21.37
N TYR B 34 -15.08 -15.74 -22.04
CA TYR B 34 -15.00 -14.86 -23.21
C TYR B 34 -15.58 -13.46 -23.03
N LEU B 35 -14.95 -12.51 -23.71
CA LEU B 35 -15.46 -11.15 -23.84
C LEU B 35 -15.59 -10.77 -25.31
N TRP B 36 -16.58 -9.94 -25.63
CA TRP B 36 -16.77 -9.42 -26.98
C TRP B 36 -16.69 -7.89 -27.00
N ASP B 37 -15.93 -7.30 -27.93
CA ASP B 37 -15.90 -5.85 -28.02
C ASP B 37 -17.04 -5.31 -28.89
N VAL B 38 -17.12 -3.99 -29.08
CA VAL B 38 -18.27 -3.43 -29.78
C VAL B 38 -18.20 -3.72 -31.29
N GLU B 39 -17.03 -4.08 -31.79
CA GLU B 39 -16.88 -4.49 -33.18
C GLU B 39 -17.26 -5.96 -33.38
N GLY B 40 -17.55 -6.66 -32.30
CA GLY B 40 -17.99 -8.05 -32.37
C GLY B 40 -16.86 -9.07 -32.27
N ARG B 41 -15.64 -8.58 -32.07
CA ARG B 41 -14.48 -9.45 -31.89
C ARG B 41 -14.53 -10.20 -30.55
N LYS B 42 -14.03 -11.44 -30.55
CA LYS B 42 -14.07 -12.30 -29.37
C LYS B 42 -12.69 -12.42 -28.73
N TYR B 43 -12.63 -12.41 -27.40
CA TYR B 43 -11.35 -12.51 -26.71
C TYR B 43 -11.39 -13.49 -25.55
N PHE B 44 -10.28 -14.18 -25.32
CA PHE B 44 -10.05 -14.85 -24.05
C PHE B 44 -9.80 -13.79 -22.97
N ASP B 45 -10.55 -13.87 -21.86
CA ASP B 45 -10.28 -12.99 -20.71
C ASP B 45 -9.22 -13.61 -19.83
N PHE B 46 -8.01 -13.05 -19.83
CA PHE B 46 -6.98 -13.56 -18.94
C PHE B 46 -6.62 -12.60 -17.80
N LEU B 47 -7.58 -11.74 -17.46
CA LEU B 47 -7.48 -10.89 -16.27
C LEU B 47 -8.54 -11.28 -15.23
N SER B 48 -9.69 -11.76 -15.71
CA SER B 48 -10.85 -12.05 -14.87
C SER B 48 -11.22 -10.90 -13.92
N SER B 49 -11.09 -9.67 -14.39
CA SER B 49 -11.37 -8.49 -13.59
C SER B 49 -10.67 -8.55 -12.24
N TYR B 50 -9.37 -8.82 -12.26
CA TYR B 50 -8.55 -8.91 -11.05
C TYR B 50 -9.04 -10.05 -10.16
N SER B 51 -9.38 -11.15 -10.82
CA SER B 51 -9.80 -12.39 -10.18
C SER B 51 -11.15 -12.25 -9.47
N ALA B 52 -12.00 -11.36 -9.95
CA ALA B 52 -13.37 -11.26 -9.46
C ALA B 52 -14.37 -12.16 -10.19
N VAL B 53 -14.08 -12.55 -11.43
CA VAL B 53 -15.01 -13.43 -12.17
C VAL B 53 -14.42 -14.83 -12.31
N ASN B 54 -14.04 -15.40 -11.17
CA ASN B 54 -13.56 -16.78 -11.11
C ASN B 54 -14.56 -17.73 -11.76
N GLN B 55 -15.85 -17.45 -11.54
CA GLN B 55 -16.94 -18.29 -12.02
C GLN B 55 -17.29 -18.08 -13.51
N GLY B 56 -16.53 -17.21 -14.17
CA GLY B 56 -16.84 -16.81 -15.54
C GLY B 56 -17.82 -15.64 -15.55
N HIS B 57 -17.81 -14.87 -16.63
CA HIS B 57 -18.74 -13.75 -16.73
C HIS B 57 -20.17 -14.23 -16.80
N CYS B 58 -21.02 -13.58 -16.02
CA CYS B 58 -22.47 -13.78 -16.03
C CYS B 58 -22.88 -15.24 -15.82
N HIS B 59 -22.42 -15.84 -14.73
CA HIS B 59 -22.76 -17.23 -14.48
C HIS B 59 -24.27 -17.34 -14.20
N PRO B 60 -24.95 -18.25 -14.91
CA PRO B 60 -26.41 -18.32 -14.81
C PRO B 60 -26.94 -18.57 -13.40
N LYS B 61 -26.22 -19.36 -12.60
CA LYS B 61 -26.63 -19.60 -11.23
C LYS B 61 -26.63 -18.29 -10.44
N ILE B 62 -25.60 -17.49 -10.63
CA ILE B 62 -25.44 -16.27 -9.85
C ILE B 62 -26.44 -15.21 -10.36
N VAL B 63 -26.57 -15.13 -11.68
CA VAL B 63 -27.58 -14.26 -12.29
C VAL B 63 -28.98 -14.56 -11.78
N ASN B 64 -29.35 -15.84 -11.73
CA ASN B 64 -30.69 -16.20 -11.28
CA ASN B 64 -30.68 -16.25 -11.26
C ASN B 64 -30.93 -15.84 -9.81
N ALA B 65 -29.89 -15.95 -8.99
CA ALA B 65 -30.01 -15.55 -7.60
C ALA B 65 -30.29 -14.05 -7.52
N LEU B 66 -29.56 -13.29 -8.33
CA LEU B 66 -29.74 -11.84 -8.34
C LEU B 66 -31.14 -11.47 -8.82
N LYS B 67 -31.58 -12.02 -9.94
CA LYS B 67 -32.90 -11.71 -10.49
C LYS B 67 -34.03 -12.09 -9.54
N SER B 68 -33.88 -13.22 -8.87
CA SER B 68 -34.89 -13.67 -7.93
C SER B 68 -35.07 -12.72 -6.73
N GLN B 69 -33.96 -12.27 -6.15
CA GLN B 69 -34.03 -11.44 -4.95
C GLN B 69 -34.39 -9.97 -5.23
N VAL B 70 -34.01 -9.48 -6.41
CA VAL B 70 -34.20 -8.06 -6.70
C VAL B 70 -35.68 -7.69 -6.75
N ASP B 71 -36.55 -8.67 -6.94
CA ASP B 71 -37.99 -8.44 -6.95
C ASP B 71 -38.62 -8.35 -5.57
N LYS B 72 -37.90 -8.83 -4.55
CA LYS B 72 -38.46 -8.95 -3.20
C LYS B 72 -38.02 -7.83 -2.26
N LEU B 73 -36.71 -7.64 -2.12
CA LEU B 73 -36.12 -6.72 -1.16
C LEU B 73 -34.62 -6.60 -1.42
N THR B 74 -34.10 -5.37 -1.50
CA THR B 74 -32.68 -5.23 -1.84
C THR B 74 -31.84 -4.55 -0.75
N LEU B 75 -32.45 -3.74 0.08
CA LEU B 75 -31.70 -2.99 1.09
C LEU B 75 -32.58 -2.52 2.26
N THR B 76 -32.28 -3.03 3.45
CA THR B 76 -32.95 -2.57 4.66
C THR B 76 -32.02 -1.70 5.51
N SER B 77 -30.72 -1.89 5.28
CA SER B 77 -29.63 -1.54 6.22
C SER B 77 -29.72 -2.43 7.45
N ARG B 78 -28.66 -2.44 8.25
CA ARG B 78 -28.64 -3.33 9.41
C ARG B 78 -29.24 -2.64 10.63
N ALA B 79 -29.90 -1.51 10.38
CA ALA B 79 -30.74 -0.90 11.41
C ALA B 79 -31.98 -1.76 11.67
N PHE B 80 -32.33 -2.58 10.68
CA PHE B 80 -33.37 -3.60 10.81
C PHE B 80 -32.80 -4.95 10.42
N TYR B 81 -33.54 -6.02 10.71
CA TYR B 81 -33.18 -7.34 10.20
C TYR B 81 -33.92 -7.61 8.90
N ASN B 82 -33.32 -8.44 8.04
CA ASN B 82 -34.05 -9.05 6.95
C ASN B 82 -33.89 -10.56 7.02
N ASN B 83 -34.52 -11.29 6.10
CA ASN B 83 -34.54 -12.73 6.23
C ASN B 83 -33.36 -13.43 5.58
N VAL B 84 -32.52 -12.68 4.89
CA VAL B 84 -31.45 -13.30 4.10
C VAL B 84 -30.07 -13.31 4.78
N LEU B 85 -29.72 -12.22 5.46
CA LEU B 85 -28.33 -12.04 5.93
C LEU B 85 -27.88 -13.19 6.86
N GLY B 86 -28.76 -13.61 7.76
CA GLY B 86 -28.43 -14.70 8.67
C GLY B 86 -28.18 -16.03 7.99
N GLU B 87 -28.89 -16.27 6.89
CA GLU B 87 -28.73 -17.49 6.13
C GLU B 87 -27.36 -17.54 5.47
N TYR B 88 -26.95 -16.39 4.94
CA TYR B 88 -25.62 -16.24 4.37
C TYR B 88 -24.54 -16.34 5.45
N GLU B 89 -24.80 -15.75 6.61
CA GLU B 89 -23.83 -15.75 7.71
C GLU B 89 -23.58 -17.19 8.18
N GLU B 90 -24.65 -17.95 8.37
CA GLU B 90 -24.50 -19.34 8.80
C GLU B 90 -23.77 -20.16 7.74
N TYR B 91 -24.13 -19.96 6.48
CA TYR B 91 -23.50 -20.70 5.38
C TYR B 91 -21.99 -20.43 5.30
N ILE B 92 -21.60 -19.17 5.31
CA ILE B 92 -20.20 -18.88 5.04
C ILE B 92 -19.32 -19.18 6.26
N THR B 93 -19.84 -19.02 7.48
CA THR B 93 -19.01 -19.30 8.65
C THR B 93 -18.78 -20.81 8.79
N LYS B 94 -19.79 -21.59 8.43
CA LYS B 94 -19.62 -23.04 8.49
C LYS B 94 -18.73 -23.53 7.35
N LEU B 95 -18.82 -22.90 6.19
CA LEU B 95 -17.97 -23.26 5.06
C LEU B 95 -16.49 -23.09 5.42
N PHE B 96 -16.13 -21.98 6.04
CA PHE B 96 -14.72 -21.70 6.33
C PHE B 96 -14.33 -22.00 7.78
N ASN B 97 -15.31 -22.38 8.58
CA ASN B 97 -15.09 -22.83 9.95
C ASN B 97 -14.51 -21.73 10.87
N TYR B 98 -15.20 -20.59 10.91
CA TYR B 98 -14.96 -19.53 11.87
C TYR B 98 -16.27 -19.27 12.60
N HIS B 99 -16.22 -18.69 13.80
CA HIS B 99 -17.48 -18.43 14.54
C HIS B 99 -18.39 -17.45 13.80
N LYS B 100 -17.80 -16.39 13.29
CA LYS B 100 -18.58 -15.23 12.83
C LYS B 100 -18.02 -14.57 11.57
N VAL B 101 -18.89 -13.82 10.90
CA VAL B 101 -18.49 -13.02 9.76
C VAL B 101 -19.01 -11.59 9.94
N LEU B 102 -18.24 -10.62 9.46
CA LEU B 102 -18.72 -9.24 9.40
C LEU B 102 -18.75 -8.88 7.92
N PRO B 103 -19.94 -8.57 7.40
CA PRO B 103 -20.13 -8.33 5.97
C PRO B 103 -19.80 -6.88 5.60
N MET B 104 -19.04 -6.71 4.53
CA MET B 104 -18.75 -5.38 3.98
C MET B 104 -19.00 -5.44 2.47
N ASN B 105 -18.59 -4.39 1.75
CA ASN B 105 -18.85 -4.34 0.30
C ASN B 105 -17.61 -4.57 -0.56
N THR B 106 -16.56 -3.78 -0.37
CA THR B 106 -15.38 -3.85 -1.21
C THR B 106 -14.20 -4.45 -0.46
N GLY B 107 -13.17 -4.81 -1.19
CA GLY B 107 -11.99 -5.43 -0.58
C GLY B 107 -11.32 -4.51 0.43
N VAL B 108 -11.16 -3.25 0.08
CA VAL B 108 -10.42 -2.37 0.97
C VAL B 108 -11.24 -2.16 2.25
N GLU B 109 -12.56 -2.23 2.14
CA GLU B 109 -13.40 -2.12 3.33
C GLU B 109 -13.21 -3.32 4.26
N ALA B 110 -12.99 -4.49 3.68
CA ALA B 110 -12.69 -5.67 4.50
C ALA B 110 -11.36 -5.48 5.23
N GLY B 111 -10.37 -4.97 4.51
CA GLY B 111 -9.07 -4.70 5.10
C GLY B 111 -9.08 -3.68 6.22
N GLU B 112 -9.82 -2.57 6.02
CA GLU B 112 -9.99 -1.57 7.06
C GLU B 112 -10.63 -2.17 8.30
N THR B 113 -11.67 -2.98 8.07
CA THR B 113 -12.37 -3.66 9.16
C THR B 113 -11.41 -4.55 9.94
N ALA B 114 -10.58 -5.28 9.22
CA ALA B 114 -9.58 -6.14 9.87
C ALA B 114 -8.59 -5.31 10.70
N CYS B 115 -8.16 -4.15 10.19
CA CYS B 115 -7.25 -3.31 10.97
C CYS B 115 -7.92 -2.79 12.25
N LYS B 116 -9.20 -2.46 12.13
CA LYS B 116 -9.94 -1.97 13.28
C LYS B 116 -10.13 -3.08 14.31
N LEU B 117 -10.42 -4.28 13.84
CA LEU B 117 -10.53 -5.43 14.74
C LEU B 117 -9.21 -5.68 15.44
N ALA B 118 -8.13 -5.66 14.67
CA ALA B 118 -6.80 -5.92 15.23
C ALA B 118 -6.47 -4.89 16.31
N ARG B 119 -6.75 -3.63 16.02
CA ARG B 119 -6.48 -2.57 16.98
C ARG B 119 -7.36 -2.70 18.22
N LYS B 120 -8.65 -2.96 18.01
CA LYS B 120 -9.58 -3.05 19.12
CA LYS B 120 -9.58 -3.07 19.11
C LYS B 120 -9.21 -4.22 20.04
N TRP B 121 -8.84 -5.35 19.43
CA TRP B 121 -8.44 -6.52 20.21
C TRP B 121 -7.13 -6.22 20.91
N GLY B 122 -6.24 -5.51 20.20
CA GLY B 122 -4.96 -5.14 20.77
C GLY B 122 -5.13 -4.33 22.06
N TYR B 123 -6.08 -3.40 22.07
CA TYR B 123 -6.24 -2.50 23.20
C TYR B 123 -7.07 -3.14 24.32
N THR B 124 -8.12 -3.86 23.97
CA THR B 124 -9.11 -4.31 24.95
C THR B 124 -8.88 -5.74 25.43
N VAL B 125 -8.10 -6.53 24.68
CA VAL B 125 -7.83 -7.91 25.05
C VAL B 125 -6.34 -8.12 25.34
N LYS B 126 -5.48 -7.76 24.40
CA LYS B 126 -4.05 -7.94 24.61
C LYS B 126 -3.53 -6.94 25.65
N GLY B 127 -4.08 -5.73 25.65
CA GLY B 127 -3.77 -4.75 26.67
C GLY B 127 -2.75 -3.68 26.30
N ILE B 128 -2.57 -3.44 25.01
CA ILE B 128 -1.66 -2.41 24.54
C ILE B 128 -2.08 -1.01 25.00
N GLN B 129 -1.11 -0.20 25.37
CA GLN B 129 -1.38 1.18 25.76
C GLN B 129 -1.97 1.96 24.56
N LYS B 130 -3.05 2.68 24.78
CA LYS B 130 -3.63 3.55 23.75
C LYS B 130 -2.75 4.79 23.52
N TYR B 131 -2.45 5.16 22.26
CA TYR B 131 -2.83 4.41 21.05
C TYR B 131 -1.56 3.95 20.34
N LYS B 132 -0.93 2.92 20.90
CA LYS B 132 0.40 2.55 20.48
C LYS B 132 0.40 1.25 19.67
N ALA B 133 -0.79 0.74 19.33
CA ALA B 133 -0.85 -0.53 18.61
C ALA B 133 -0.26 -0.41 17.20
N LYS B 134 0.50 -1.45 16.80
CA LYS B 134 1.09 -1.50 15.46
C LYS B 134 0.51 -2.65 14.65
N ILE B 135 0.44 -2.45 13.34
CA ILE B 135 0.12 -3.54 12.42
C ILE B 135 1.28 -3.64 11.44
N VAL B 136 1.80 -4.86 11.27
CA VAL B 136 2.92 -5.11 10.39
C VAL B 136 2.37 -5.58 9.04
N PHE B 137 2.97 -5.08 7.96
CA PHE B 137 2.62 -5.46 6.59
C PHE B 137 3.87 -5.93 5.86
N ALA B 138 3.69 -6.60 4.73
CA ALA B 138 4.84 -7.02 3.94
C ALA B 138 5.04 -6.06 2.76
N ALA B 139 6.28 -5.74 2.46
CA ALA B 139 6.61 -4.91 1.30
C ALA B 139 6.00 -5.54 0.05
N GLY B 140 5.43 -4.71 -0.82
CA GLY B 140 4.80 -5.20 -2.03
C GLY B 140 3.31 -5.46 -1.84
N ASN B 141 2.79 -5.26 -0.64
CA ASN B 141 1.36 -5.47 -0.39
C ASN B 141 0.45 -4.50 -1.15
N PHE B 142 -0.72 -5.00 -1.56
CA PHE B 142 -1.78 -4.19 -2.16
C PHE B 142 -3.11 -4.61 -1.55
N TRP B 143 -3.81 -3.70 -0.89
CA TRP B 143 -5.14 -4.07 -0.42
C TRP B 143 -6.14 -2.95 -0.60
N GLY B 144 -5.86 -2.07 -1.54
CA GLY B 144 -6.81 -1.02 -1.87
C GLY B 144 -6.24 0.38 -1.78
N ARG B 145 -7.12 1.37 -1.90
CA ARG B 145 -6.66 2.74 -2.13
C ARG B 145 -7.19 3.79 -1.14
N THR B 146 -7.70 3.35 0.01
CA THR B 146 -8.00 4.32 1.07
C THR B 146 -6.70 4.94 1.58
N LEU B 147 -6.83 6.01 2.36
CA LEU B 147 -5.66 6.66 2.93
C LEU B 147 -4.89 5.70 3.83
N SER B 148 -5.62 4.89 4.58
CA SER B 148 -4.96 3.88 5.43
C SER B 148 -4.26 2.83 4.60
N ALA B 149 -4.94 2.31 3.57
CA ALA B 149 -4.32 1.29 2.72
C ALA B 149 -3.01 1.76 2.11
N ILE B 150 -2.98 2.96 1.55
CA ILE B 150 -1.77 3.39 0.86
C ILE B 150 -0.66 3.80 1.85
N SER B 151 -1.05 4.01 3.10
CA SER B 151 -0.06 4.27 4.14
C SER B 151 0.83 3.05 4.40
N SER B 152 0.33 1.85 4.07
CA SER B 152 1.13 0.64 4.27
C SER B 152 1.82 0.21 2.99
N SER B 153 1.62 0.98 1.91
CA SER B 153 2.16 0.60 0.61
C SER B 153 3.66 0.95 0.48
N THR B 154 4.40 0.13 -0.27
CA THR B 154 5.77 0.49 -0.64
C THR B 154 5.85 0.93 -2.10
N ASP B 155 4.70 1.09 -2.77
CA ASP B 155 4.69 1.57 -4.16
C ASP B 155 4.41 3.08 -4.22
N PRO B 156 5.39 3.89 -4.64
CA PRO B 156 5.20 5.35 -4.68
C PRO B 156 3.98 5.77 -5.49
N THR B 157 3.68 5.05 -6.57
CA THR B 157 2.50 5.38 -7.36
C THR B 157 1.22 5.34 -6.49
N SER B 158 1.19 4.45 -5.50
CA SER B 158 0.06 4.40 -4.58
C SER B 158 0.00 5.51 -3.55
N TYR B 159 1.14 5.91 -2.99
CA TYR B 159 1.08 6.84 -1.85
C TYR B 159 1.61 8.26 -2.11
N ASP B 160 2.44 8.44 -3.13
CA ASP B 160 3.08 9.74 -3.35
CA ASP B 160 3.08 9.74 -3.34
C ASP B 160 2.04 10.83 -3.62
N GLY B 161 2.12 11.89 -2.84
CA GLY B 161 1.23 13.02 -2.97
C GLY B 161 -0.05 12.89 -2.19
N PHE B 162 -0.18 11.83 -1.38
CA PHE B 162 -1.46 11.60 -0.70
C PHE B 162 -1.34 11.63 0.83
N GLY B 163 -0.15 11.94 1.36
CA GLY B 163 0.06 12.04 2.80
C GLY B 163 -0.49 13.32 3.41
N PRO B 164 -0.31 13.52 4.72
CA PRO B 164 0.43 12.68 5.68
C PRO B 164 -0.23 11.32 5.94
N PHE B 165 0.54 10.36 6.42
CA PHE B 165 0.07 8.97 6.42
C PHE B 165 -0.34 8.43 7.78
N MET B 166 -1.18 7.40 7.76
CA MET B 166 -1.66 6.72 8.96
C MET B 166 -0.49 6.17 9.79
N PRO B 167 -0.37 6.60 11.07
CA PRO B 167 0.71 6.06 11.89
C PRO B 167 0.41 4.63 12.35
N GLY B 168 1.41 3.92 12.85
CA GLY B 168 1.16 2.60 13.44
C GLY B 168 1.23 1.46 12.44
N PHE B 169 1.71 1.74 11.24
CA PHE B 169 1.87 0.73 10.21
C PHE B 169 3.34 0.50 9.92
N ASP B 170 3.83 -0.71 10.14
CA ASP B 170 5.23 -1.02 9.85
C ASP B 170 5.35 -1.98 8.68
N ILE B 171 6.51 -1.95 8.01
CA ILE B 171 6.74 -2.80 6.85
C ILE B 171 7.98 -3.67 7.01
N ILE B 172 7.86 -4.95 6.67
CA ILE B 172 8.98 -5.86 6.56
C ILE B 172 9.00 -6.51 5.17
N PRO B 173 10.13 -7.10 4.76
CA PRO B 173 10.11 -7.81 3.49
C PRO B 173 9.15 -8.98 3.48
N TYR B 174 8.60 -9.31 2.31
CA TYR B 174 7.74 -10.47 2.12
C TYR B 174 8.58 -11.73 2.13
N ASN B 175 7.96 -12.87 2.44
CA ASN B 175 8.65 -14.17 2.33
C ASN B 175 9.94 -14.20 3.18
N ASP B 176 9.87 -13.62 4.38
CA ASP B 176 11.06 -13.41 5.22
C ASP B 176 10.70 -13.69 6.67
N LEU B 177 10.90 -14.91 7.12
CA LEU B 177 10.52 -15.26 8.50
C LEU B 177 11.45 -14.62 9.55
N PRO B 178 12.77 -14.58 9.31
CA PRO B 178 13.61 -13.88 10.30
C PRO B 178 13.19 -12.43 10.49
N ALA B 179 12.73 -11.79 9.43
CA ALA B 179 12.32 -10.40 9.54
C ALA B 179 11.01 -10.30 10.34
N LEU B 180 10.09 -11.25 10.15
CA LEU B 180 8.86 -11.25 10.92
C LEU B 180 9.17 -11.48 12.39
N GLU B 181 10.05 -12.44 12.66
CA GLU B 181 10.41 -12.76 14.03
C GLU B 181 11.03 -11.54 14.73
N ARG B 182 11.88 -10.81 14.02
CA ARG B 182 12.46 -9.59 14.57
C ARG B 182 11.39 -8.53 14.84
N ALA B 183 10.44 -8.37 13.91
CA ALA B 183 9.37 -7.38 14.07
C ALA B 183 8.43 -7.69 15.25
N LEU B 184 8.15 -8.97 15.49
CA LEU B 184 7.18 -9.32 16.51
C LEU B 184 7.80 -9.32 17.92
N GLN B 185 9.05 -8.89 18.04
CA GLN B 185 9.64 -8.69 19.36
C GLN B 185 8.96 -7.51 20.08
N ASP B 186 8.38 -6.60 19.31
CA ASP B 186 7.65 -5.46 19.87
C ASP B 186 6.25 -5.85 20.35
N PRO B 187 6.02 -5.79 21.66
CA PRO B 187 4.74 -6.26 22.20
C PRO B 187 3.59 -5.37 21.79
N ASN B 188 3.86 -4.20 21.23
CA ASN B 188 2.77 -3.33 20.78
C ASN B 188 2.21 -3.72 19.39
N VAL B 189 2.83 -4.71 18.76
CA VAL B 189 2.27 -5.23 17.49
C VAL B 189 1.02 -6.04 17.79
N ALA B 190 -0.09 -5.68 17.15
CA ALA B 190 -1.35 -6.38 17.37
C ALA B 190 -1.63 -7.40 16.27
N ALA B 191 -1.07 -7.17 15.09
CA ALA B 191 -1.35 -8.06 13.95
C ALA B 191 -0.29 -7.98 12.85
N PHE B 192 -0.21 -9.06 12.08
CA PHE B 192 0.54 -9.13 10.84
C PHE B 192 -0.48 -9.42 9.73
N MET B 193 -0.57 -8.53 8.75
CA MET B 193 -1.49 -8.72 7.63
C MET B 193 -0.68 -9.09 6.39
N VAL B 194 -1.06 -10.16 5.69
CA VAL B 194 -0.23 -10.64 4.60
C VAL B 194 -1.06 -11.40 3.57
N GLU B 195 -0.68 -11.30 2.30
CA GLU B 195 -1.30 -12.06 1.22
C GLU B 195 -0.56 -13.40 1.08
N PRO B 196 -1.29 -14.52 0.97
CA PRO B 196 -0.61 -15.82 0.81
C PRO B 196 0.21 -15.90 -0.49
N ILE B 197 -0.23 -15.17 -1.50
CA ILE B 197 0.54 -14.89 -2.70
C ILE B 197 0.30 -13.42 -2.99
N GLN B 198 1.34 -12.63 -3.27
CA GLN B 198 1.10 -11.22 -3.57
C GLN B 198 0.69 -11.06 -5.01
N GLY B 199 -0.55 -10.62 -5.22
CA GLY B 199 -1.11 -10.53 -6.56
C GLY B 199 -0.62 -9.35 -7.35
N GLU B 200 -1.07 -8.15 -7.00
CA GLU B 200 -0.75 -6.96 -7.77
CA GLU B 200 -0.75 -6.95 -7.78
C GLU B 200 0.75 -6.66 -7.76
N ALA B 201 1.47 -7.19 -6.78
CA ALA B 201 2.91 -7.03 -6.79
C ALA B 201 3.53 -7.81 -7.96
N GLY B 202 2.75 -8.73 -8.53
CA GLY B 202 3.25 -9.48 -9.68
C GLY B 202 3.28 -10.98 -9.44
N VAL B 203 2.26 -11.50 -8.75
CA VAL B 203 2.16 -12.93 -8.43
C VAL B 203 3.46 -13.41 -7.79
N VAL B 204 3.74 -12.88 -6.60
CA VAL B 204 4.95 -13.27 -5.88
C VAL B 204 4.61 -14.40 -4.90
N VAL B 205 5.13 -15.59 -5.19
CA VAL B 205 4.83 -16.80 -4.44
C VAL B 205 5.90 -17.04 -3.37
N PRO B 206 5.50 -17.10 -2.10
CA PRO B 206 6.51 -17.27 -1.06
C PRO B 206 6.99 -18.73 -1.02
N ASP B 207 8.11 -18.98 -0.35
CA ASP B 207 8.69 -20.31 -0.31
C ASP B 207 7.83 -21.25 0.51
N PRO B 208 7.86 -22.56 0.18
CA PRO B 208 7.14 -23.55 1.00
C PRO B 208 7.51 -23.40 2.48
N GLY B 209 6.53 -23.40 3.37
CA GLY B 209 6.79 -23.25 4.79
C GLY B 209 6.59 -21.86 5.34
N TYR B 210 6.51 -20.86 4.46
CA TYR B 210 6.38 -19.48 4.92
C TYR B 210 5.15 -19.31 5.79
N LEU B 211 4.00 -19.76 5.32
CA LEU B 211 2.74 -19.56 6.03
C LEU B 211 2.72 -20.34 7.34
N MET B 212 3.32 -21.52 7.36
CA MET B 212 3.46 -22.26 8.61
C MET B 212 4.29 -21.45 9.62
N GLY B 213 5.40 -20.89 9.15
CA GLY B 213 6.25 -20.07 10.00
C GLY B 213 5.53 -18.83 10.47
N VAL B 214 4.73 -18.25 9.60
CA VAL B 214 3.96 -17.07 9.98
C VAL B 214 2.97 -17.42 11.08
N ARG B 215 2.24 -18.51 10.88
CA ARG B 215 1.25 -18.93 11.86
C ARG B 215 1.95 -19.23 13.19
N GLU B 216 3.13 -19.86 13.12
CA GLU B 216 3.87 -20.20 14.33
C GLU B 216 4.35 -18.97 15.11
N LEU B 217 4.96 -18.03 14.40
CA LEU B 217 5.46 -16.82 15.04
C LEU B 217 4.34 -15.96 15.61
N CYS B 218 3.22 -15.87 14.90
CA CYS B 218 2.09 -15.06 15.40
C CYS B 218 1.51 -15.67 16.67
N THR B 219 1.35 -16.98 16.69
CA THR B 219 0.89 -17.63 17.91
C THR B 219 1.88 -17.45 19.07
N ARG B 220 3.16 -17.63 18.78
CA ARG B 220 4.21 -17.55 19.80
C ARG B 220 4.29 -16.18 20.45
N HIS B 221 4.05 -15.13 19.67
CA HIS B 221 4.20 -13.77 20.17
C HIS B 221 2.89 -13.02 20.38
N GLN B 222 1.78 -13.75 20.38
CA GLN B 222 0.46 -13.21 20.68
C GLN B 222 0.09 -12.07 19.72
N VAL B 223 0.16 -12.39 18.44
CA VAL B 223 -0.09 -11.45 17.34
C VAL B 223 -1.16 -12.07 16.44
N LEU B 224 -2.12 -11.26 15.98
CA LEU B 224 -3.15 -11.80 15.08
C LEU B 224 -2.57 -11.99 13.69
N PHE B 225 -2.84 -13.14 13.08
CA PHE B 225 -2.40 -13.43 11.73
C PHE B 225 -3.60 -13.17 10.81
N ILE B 226 -3.51 -12.07 10.06
CA ILE B 226 -4.57 -11.69 9.12
C ILE B 226 -4.15 -12.09 7.70
N ALA B 227 -4.95 -12.98 7.10
CA ALA B 227 -4.68 -13.47 5.75
C ALA B 227 -5.59 -12.78 4.75
N ASP B 228 -5.00 -11.99 3.86
CA ASP B 228 -5.79 -11.32 2.85
C ASP B 228 -5.96 -12.25 1.66
N GLU B 229 -7.13 -12.87 1.56
CA GLU B 229 -7.44 -13.84 0.49
C GLU B 229 -8.44 -13.25 -0.51
N ILE B 230 -8.49 -11.92 -0.58
CA ILE B 230 -9.44 -11.25 -1.46
C ILE B 230 -9.15 -11.56 -2.94
N GLN B 231 -7.89 -11.77 -3.29
CA GLN B 231 -7.53 -12.17 -4.65
C GLN B 231 -7.19 -13.66 -4.76
N THR B 232 -6.53 -14.21 -3.74
CA THR B 232 -6.03 -15.60 -3.80
C THR B 232 -7.07 -16.65 -3.38
N GLY B 233 -8.13 -16.24 -2.71
CA GLY B 233 -9.09 -17.20 -2.22
C GLY B 233 -10.06 -17.70 -3.28
N LEU B 234 -11.01 -18.52 -2.84
CA LEU B 234 -12.15 -18.89 -3.67
C LEU B 234 -11.74 -19.59 -4.98
N ALA B 235 -10.85 -20.57 -4.85
CA ALA B 235 -10.45 -21.53 -5.89
C ALA B 235 -9.41 -21.01 -6.88
N ARG B 236 -9.14 -19.69 -6.89
CA ARG B 236 -8.21 -19.12 -7.86
C ARG B 236 -6.84 -19.80 -7.86
N THR B 237 -6.29 -20.13 -6.70
CA THR B 237 -4.99 -20.77 -6.65
C THR B 237 -5.07 -22.30 -6.57
N GLY B 238 -6.29 -22.85 -6.61
CA GLY B 238 -6.47 -24.30 -6.57
C GLY B 238 -6.99 -24.86 -5.24
N ARG B 239 -7.41 -23.97 -4.35
CA ARG B 239 -7.95 -24.33 -3.04
C ARG B 239 -9.02 -23.33 -2.62
N TRP B 240 -9.83 -23.67 -1.63
CA TRP B 240 -10.79 -22.71 -1.11
C TRP B 240 -10.09 -21.44 -0.65
N LEU B 241 -8.94 -21.62 0.01
CA LEU B 241 -8.07 -20.52 0.45
C LEU B 241 -6.66 -20.91 0.12
N ALA B 242 -5.84 -19.97 -0.31
CA ALA B 242 -4.46 -20.30 -0.62
C ALA B 242 -3.72 -20.78 0.64
N VAL B 243 -4.16 -20.35 1.84
CA VAL B 243 -3.49 -20.83 3.05
C VAL B 243 -3.77 -22.33 3.27
N ASP B 244 -4.74 -22.89 2.56
CA ASP B 244 -5.02 -24.32 2.66
C ASP B 244 -3.85 -25.17 2.16
N TYR B 245 -3.03 -24.64 1.26
CA TYR B 245 -1.84 -25.35 0.80
C TYR B 245 -0.90 -25.74 1.96
N GLU B 246 -0.84 -24.94 3.02
CA GLU B 246 -0.04 -25.33 4.17
C GLU B 246 -0.89 -25.67 5.40
N ASN B 247 -2.20 -25.81 5.18
CA ASN B 247 -3.16 -26.19 6.21
C ASN B 247 -2.98 -25.37 7.51
N VAL B 248 -2.99 -24.05 7.35
CA VAL B 248 -2.77 -23.15 8.44
C VAL B 248 -4.05 -22.36 8.66
N ARG B 249 -4.36 -22.05 9.91
CA ARG B 249 -5.58 -21.31 10.22
C ARG B 249 -5.28 -19.88 10.72
N PRO B 250 -5.50 -18.88 9.85
CA PRO B 250 -5.26 -17.50 10.28
C PRO B 250 -6.28 -17.09 11.34
N ASP B 251 -6.00 -16.01 12.09
CA ASP B 251 -6.96 -15.49 13.04
C ASP B 251 -8.09 -14.75 12.36
N ILE B 252 -7.76 -14.03 11.30
CA ILE B 252 -8.74 -13.31 10.51
C ILE B 252 -8.52 -13.62 9.03
N VAL B 253 -9.60 -13.92 8.32
CA VAL B 253 -9.52 -14.12 6.88
C VAL B 253 -10.36 -13.08 6.12
N LEU B 254 -9.78 -12.49 5.08
CA LEU B 254 -10.50 -11.50 4.26
C LEU B 254 -10.89 -12.10 2.90
N LEU B 255 -12.15 -11.97 2.53
CA LEU B 255 -12.64 -12.38 1.21
C LEU B 255 -13.32 -11.23 0.47
N GLY B 256 -13.25 -11.24 -0.86
CA GLY B 256 -13.91 -10.23 -1.66
C GLY B 256 -13.92 -10.67 -3.11
N LYS B 257 -13.90 -9.69 -4.03
CA LYS B 257 -13.78 -9.95 -5.48
C LYS B 257 -14.70 -11.07 -5.97
N ALA B 258 -14.18 -12.30 -6.06
CA ALA B 258 -14.96 -13.42 -6.57
C ALA B 258 -16.07 -13.91 -5.65
N LEU B 259 -16.18 -13.33 -4.46
CA LEU B 259 -17.24 -13.74 -3.54
C LEU B 259 -18.63 -13.52 -4.16
N SER B 260 -18.72 -12.70 -5.19
CA SER B 260 -19.99 -12.42 -5.86
C SER B 260 -20.01 -12.86 -7.33
N GLY B 261 -18.92 -13.42 -7.82
CA GLY B 261 -18.83 -13.77 -9.23
C GLY B 261 -18.81 -12.54 -10.13
N GLY B 262 -18.62 -11.37 -9.54
CA GLY B 262 -18.57 -10.14 -10.32
C GLY B 262 -19.92 -9.45 -10.48
N LEU B 263 -20.94 -9.95 -9.80
CA LEU B 263 -22.29 -9.40 -9.92
C LEU B 263 -22.65 -8.33 -8.91
N TYR B 264 -21.84 -8.17 -7.87
CA TYR B 264 -22.20 -7.29 -6.78
C TYR B 264 -20.97 -7.10 -5.88
N PRO B 265 -20.72 -5.87 -5.39
CA PRO B 265 -19.54 -5.77 -4.52
C PRO B 265 -19.85 -6.37 -3.13
N VAL B 266 -19.30 -7.55 -2.86
CA VAL B 266 -19.48 -8.20 -1.56
C VAL B 266 -18.10 -8.60 -0.99
N SER B 267 -17.85 -8.26 0.28
CA SER B 267 -16.63 -8.69 0.93
C SER B 267 -16.96 -9.17 2.34
N ALA B 268 -16.00 -9.85 2.94
CA ALA B 268 -16.28 -10.51 4.22
C ALA B 268 -15.05 -10.58 5.10
N VAL B 269 -15.29 -10.43 6.40
CA VAL B 269 -14.26 -10.58 7.40
C VAL B 269 -14.62 -11.75 8.32
N LEU B 270 -13.82 -12.82 8.28
CA LEU B 270 -14.08 -14.02 9.09
C LEU B 270 -13.15 -14.12 10.29
N CYS B 271 -13.70 -14.33 11.48
CA CYS B 271 -12.86 -14.63 12.66
C CYS B 271 -13.69 -15.18 13.83
N ASP B 272 -13.02 -15.72 14.85
CA ASP B 272 -13.71 -16.26 16.04
C ASP B 272 -14.17 -15.18 17.02
N ASP B 273 -15.05 -15.57 17.96
CA ASP B 273 -15.71 -14.64 18.88
C ASP B 273 -14.75 -13.77 19.68
N ASP B 274 -13.64 -14.35 20.11
CA ASP B 274 -12.68 -13.61 20.95
C ASP B 274 -12.18 -12.37 20.25
N ILE B 275 -12.16 -12.39 18.93
CA ILE B 275 -11.71 -11.24 18.15
C ILE B 275 -12.90 -10.40 17.70
N MET B 276 -13.88 -11.06 17.09
CA MET B 276 -15.01 -10.39 16.48
C MET B 276 -15.81 -9.53 17.46
N LEU B 277 -16.00 -10.04 18.68
CA LEU B 277 -16.87 -9.34 19.60
C LEU B 277 -16.17 -8.21 20.37
N THR B 278 -14.94 -7.88 20.00
CA THR B 278 -14.31 -6.70 20.57
C THR B 278 -15.01 -5.45 20.04
N ILE B 279 -15.68 -5.58 18.90
CA ILE B 279 -16.43 -4.47 18.35
C ILE B 279 -17.89 -4.58 18.80
N LYS B 280 -18.36 -3.56 19.51
CA LYS B 280 -19.69 -3.56 20.13
C LYS B 280 -20.70 -2.83 19.24
N PRO B 281 -22.01 -2.98 19.52
CA PRO B 281 -23.00 -2.29 18.68
C PRO B 281 -22.73 -0.79 18.53
N GLY B 282 -22.83 -0.30 17.29
CA GLY B 282 -22.57 1.10 16.99
C GLY B 282 -21.13 1.48 16.70
N GLU B 283 -20.20 0.54 16.85
CA GLU B 283 -18.79 0.87 16.72
C GLU B 283 -18.20 0.57 15.33
N HIS B 284 -19.03 0.06 14.43
CA HIS B 284 -18.57 -0.19 13.05
C HIS B 284 -19.72 -0.56 12.15
N GLY B 285 -19.60 -0.20 10.87
CA GLY B 285 -20.64 -0.54 9.92
C GLY B 285 -20.45 0.01 8.54
N SER B 286 -21.50 -0.14 7.72
CA SER B 286 -21.51 0.24 6.32
C SER B 286 -22.95 0.21 5.85
N THR B 287 -23.37 1.20 5.07
CA THR B 287 -24.76 1.27 4.62
C THR B 287 -25.19 0.01 3.86
N TYR B 288 -24.44 -0.37 2.83
CA TYR B 288 -24.81 -1.52 2.00
C TYR B 288 -24.26 -2.86 2.53
N GLY B 289 -23.44 -2.83 3.57
CA GLY B 289 -22.90 -4.06 4.13
C GLY B 289 -23.97 -5.03 4.59
N GLY B 290 -23.89 -6.28 4.12
CA GLY B 290 -24.83 -7.30 4.53
C GLY B 290 -26.22 -7.19 3.94
N ASN B 291 -26.39 -6.42 2.87
CA ASN B 291 -27.72 -6.27 2.27
C ASN B 291 -28.19 -7.58 1.64
N PRO B 292 -29.52 -7.81 1.58
CA PRO B 292 -30.01 -9.13 1.19
C PRO B 292 -29.70 -9.51 -0.27
N LEU B 293 -29.63 -8.52 -1.15
CA LEU B 293 -29.26 -8.76 -2.54
C LEU B 293 -27.84 -9.33 -2.68
N GLY B 294 -26.86 -8.66 -2.08
CA GLY B 294 -25.48 -9.13 -2.17
C GLY B 294 -25.34 -10.52 -1.54
N CYS B 295 -26.10 -10.76 -0.48
CA CYS B 295 -26.05 -12.05 0.20
C CYS B 295 -26.56 -13.20 -0.67
N ARG B 296 -27.68 -12.99 -1.37
CA ARG B 296 -28.19 -14.04 -2.25
C ARG B 296 -27.17 -14.36 -3.33
N VAL B 297 -26.56 -13.30 -3.86
CA VAL B 297 -25.53 -13.43 -4.89
C VAL B 297 -24.31 -14.18 -4.36
N ALA B 298 -23.86 -13.85 -3.15
CA ALA B 298 -22.65 -14.47 -2.60
C ALA B 298 -22.88 -15.97 -2.31
N ILE B 299 -24.05 -16.32 -1.80
CA ILE B 299 -24.38 -17.73 -1.54
C ILE B 299 -24.30 -18.52 -2.85
N ALA B 300 -24.91 -17.99 -3.89
CA ALA B 300 -24.85 -18.66 -5.18
C ALA B 300 -23.43 -18.74 -5.72
N ALA B 301 -22.65 -17.66 -5.58
CA ALA B 301 -21.30 -17.64 -6.12
C ALA B 301 -20.41 -18.69 -5.44
N LEU B 302 -20.60 -18.87 -4.15
CA LEU B 302 -19.85 -19.86 -3.39
C LEU B 302 -20.28 -21.26 -3.79
N GLU B 303 -21.59 -21.45 -3.98
CA GLU B 303 -22.11 -22.75 -4.40
C GLU B 303 -21.57 -23.18 -5.76
N VAL B 304 -21.40 -22.23 -6.67
CA VAL B 304 -20.81 -22.53 -7.98
C VAL B 304 -19.41 -23.11 -7.85
N LEU B 305 -18.58 -22.48 -7.01
CA LEU B 305 -17.21 -22.95 -6.83
C LEU B 305 -17.18 -24.40 -6.36
N GLU B 306 -18.12 -24.74 -5.48
CA GLU B 306 -18.22 -26.08 -4.93
C GLU B 306 -18.74 -27.08 -5.96
N GLU B 307 -19.91 -26.79 -6.50
CA GLU B 307 -20.60 -27.71 -7.41
C GLU B 307 -19.77 -28.07 -8.61
N GLU B 308 -19.08 -27.08 -9.17
CA GLU B 308 -18.31 -27.31 -10.39
C GLU B 308 -16.85 -27.66 -10.11
N ASN B 309 -16.50 -27.82 -8.84
CA ASN B 309 -15.13 -28.20 -8.46
C ASN B 309 -14.08 -27.35 -9.13
N LEU B 310 -14.23 -26.03 -9.06
CA LEU B 310 -13.35 -25.16 -9.81
C LEU B 310 -11.93 -25.13 -9.23
N ALA B 311 -11.81 -25.39 -7.93
CA ALA B 311 -10.49 -25.42 -7.32
C ALA B 311 -9.64 -26.54 -7.94
N GLU B 312 -10.22 -27.73 -8.06
CA GLU B 312 -9.51 -28.84 -8.66
C GLU B 312 -9.17 -28.51 -10.10
N ASN B 313 -10.10 -27.88 -10.81
CA ASN B 313 -9.81 -27.52 -12.19
C ASN B 313 -8.65 -26.53 -12.28
N ALA B 314 -8.61 -25.56 -11.37
CA ALA B 314 -7.56 -24.53 -11.43
C ALA B 314 -6.20 -25.14 -11.14
N ASP B 315 -6.19 -26.09 -10.22
CA ASP B 315 -4.98 -26.80 -9.83
C ASP B 315 -4.45 -27.61 -11.00
N LYS B 316 -5.32 -28.40 -11.62
CA LYS B 316 -4.96 -29.21 -12.79
C LYS B 316 -4.43 -28.37 -13.95
N LEU B 317 -5.18 -27.35 -14.32
CA LEU B 317 -4.85 -26.57 -15.51
C LEU B 317 -3.69 -25.60 -15.30
N GLY B 318 -3.52 -25.13 -14.06
CA GLY B 318 -2.44 -24.20 -13.76
C GLY B 318 -1.06 -24.76 -14.07
N ILE B 319 -0.82 -26.03 -13.74
CA ILE B 319 0.49 -26.60 -13.92
C ILE B 319 0.76 -26.78 -15.43
N ILE B 320 -0.29 -27.06 -16.18
CA ILE B 320 -0.14 -27.17 -17.64
C ILE B 320 0.27 -25.82 -18.22
N LEU B 321 -0.43 -24.76 -17.82
CA LEU B 321 -0.09 -23.42 -18.27
C LEU B 321 1.36 -23.04 -17.94
N ARG B 322 1.77 -23.24 -16.69
CA ARG B 322 3.15 -22.91 -16.33
C ARG B 322 4.16 -23.76 -17.08
N ASN B 323 3.90 -25.07 -17.16
CA ASN B 323 4.82 -25.95 -17.87
C ASN B 323 5.04 -25.53 -19.33
N GLU B 324 3.98 -25.06 -19.99
CA GLU B 324 4.06 -24.65 -21.39
C GLU B 324 4.77 -23.30 -21.54
N LEU B 325 4.47 -22.38 -20.63
CA LEU B 325 5.13 -21.08 -20.65
C LEU B 325 6.64 -21.23 -20.45
N MET B 326 7.04 -22.24 -19.69
CA MET B 326 8.46 -22.40 -19.37
CA MET B 326 8.45 -22.45 -19.36
C MET B 326 9.26 -22.85 -20.58
N LYS B 327 8.56 -23.18 -21.68
CA LYS B 327 9.21 -23.57 -22.93
C LYS B 327 9.62 -22.37 -23.80
N LEU B 328 9.01 -21.22 -23.53
CA LEU B 328 9.39 -19.98 -24.21
C LEU B 328 10.86 -19.68 -23.97
N PRO B 329 11.50 -18.94 -24.90
CA PRO B 329 12.96 -18.75 -24.85
C PRO B 329 13.43 -17.97 -23.62
N SER B 330 14.51 -18.47 -23.02
CA SER B 330 15.03 -17.98 -21.75
C SER B 330 15.38 -16.50 -21.73
N ASP B 331 15.33 -15.85 -22.88
CA ASP B 331 15.76 -14.45 -22.96
C ASP B 331 14.72 -13.56 -23.56
N VAL B 332 13.53 -14.10 -23.74
CA VAL B 332 12.37 -13.28 -24.06
C VAL B 332 11.46 -13.30 -22.83
N VAL B 333 11.36 -14.46 -22.18
CA VAL B 333 10.60 -14.62 -20.94
C VAL B 333 11.56 -15.09 -19.86
N THR B 334 11.79 -14.27 -18.85
CA THR B 334 12.87 -14.57 -17.90
C THR B 334 12.38 -15.32 -16.65
N ALA B 335 11.09 -15.29 -16.38
CA ALA B 335 10.54 -16.08 -15.28
C ALA B 335 9.07 -16.44 -15.49
N VAL B 336 8.68 -17.59 -14.96
CA VAL B 336 7.28 -18.02 -14.91
C VAL B 336 6.91 -18.37 -13.48
N ARG B 337 5.79 -17.85 -12.98
CA ARG B 337 5.38 -18.23 -11.62
C ARG B 337 3.89 -18.20 -11.40
N GLY B 338 3.47 -18.87 -10.34
CA GLY B 338 2.08 -18.88 -9.95
C GLY B 338 1.67 -20.14 -9.23
N LYS B 339 0.40 -20.15 -8.83
CA LYS B 339 -0.24 -21.30 -8.21
C LYS B 339 -1.65 -21.37 -8.77
N GLY B 340 -2.11 -22.58 -9.09
CA GLY B 340 -3.42 -22.71 -9.70
C GLY B 340 -3.49 -21.84 -10.95
N LEU B 341 -4.57 -21.10 -11.10
CA LEU B 341 -4.73 -20.23 -12.27
C LEU B 341 -4.48 -18.75 -11.94
N LEU B 342 -3.61 -18.52 -10.95
CA LEU B 342 -3.06 -17.19 -10.72
C LEU B 342 -1.59 -17.26 -11.14
N ASN B 343 -1.28 -16.73 -12.32
CA ASN B 343 0.06 -16.86 -12.90
C ASN B 343 0.60 -15.58 -13.51
N ALA B 344 1.92 -15.55 -13.72
CA ALA B 344 2.57 -14.40 -14.36
C ALA B 344 3.85 -14.81 -15.06
N ILE B 345 4.23 -14.02 -16.06
CA ILE B 345 5.55 -14.17 -16.65
C ILE B 345 6.29 -12.85 -16.57
N VAL B 346 7.61 -12.92 -16.51
CA VAL B 346 8.45 -11.73 -16.59
C VAL B 346 9.13 -11.73 -17.94
N ILE B 347 9.01 -10.63 -18.68
CA ILE B 347 9.70 -10.56 -19.95
C ILE B 347 10.92 -9.66 -19.89
N LYS B 348 12.00 -10.10 -20.51
CA LYS B 348 13.23 -9.32 -20.63
C LYS B 348 12.95 -7.99 -21.34
N GLU B 349 12.48 -6.98 -20.62
CA GLU B 349 12.12 -5.69 -21.24
C GLU B 349 13.33 -5.02 -21.90
N THR B 350 13.13 -4.50 -23.10
CA THR B 350 14.18 -3.76 -23.73
C THR B 350 13.54 -2.39 -23.70
N LYS B 351 14.33 -1.36 -23.94
CA LYS B 351 13.78 -0.05 -24.21
C LYS B 351 13.14 -0.05 -25.62
N ASP B 352 13.21 -1.14 -26.38
CA ASP B 352 12.44 -1.11 -27.63
C ASP B 352 11.11 -1.84 -27.41
N TRP B 353 11.14 -2.96 -26.68
CA TRP B 353 9.99 -3.86 -26.60
C TRP B 353 9.68 -4.30 -25.15
N ASP B 354 8.40 -4.18 -24.75
CA ASP B 354 8.03 -4.36 -23.35
C ASP B 354 6.68 -5.04 -23.12
N ALA B 355 6.28 -5.13 -21.86
CA ALA B 355 5.10 -5.88 -21.46
C ALA B 355 3.84 -5.29 -22.07
N TRP B 356 3.80 -3.96 -22.18
CA TRP B 356 2.64 -3.28 -22.74
C TRP B 356 2.46 -3.65 -24.21
N LYS B 357 3.56 -3.68 -24.94
CA LYS B 357 3.52 -4.02 -26.36
C LYS B 357 3.13 -5.48 -26.56
N VAL B 358 3.64 -6.36 -25.70
CA VAL B 358 3.25 -7.76 -25.76
C VAL B 358 1.74 -7.88 -25.56
N CYS B 359 1.20 -7.12 -24.62
CA CYS B 359 -0.23 -7.20 -24.34
C CYS B 359 -1.11 -6.61 -25.43
N LEU B 360 -0.60 -5.59 -26.11
CA LEU B 360 -1.31 -5.04 -27.25
C LEU B 360 -1.44 -6.11 -28.34
N ARG B 361 -0.33 -6.80 -28.62
CA ARG B 361 -0.34 -7.81 -29.66
C ARG B 361 -1.12 -9.03 -29.20
N LEU B 362 -1.12 -9.30 -27.89
CA LEU B 362 -1.96 -10.38 -27.36
C LEU B 362 -3.43 -10.06 -27.64
N ARG B 363 -3.81 -8.81 -27.40
CA ARG B 363 -5.14 -8.32 -27.71
C ARG B 363 -5.48 -8.56 -29.20
N ASP B 364 -4.52 -8.21 -30.06
CA ASP B 364 -4.69 -8.34 -31.51
C ASP B 364 -4.88 -9.79 -31.93
N ASN B 365 -4.25 -10.70 -31.19
CA ASN B 365 -4.39 -12.10 -31.48
C ASN B 365 -5.46 -12.77 -30.63
N GLY B 366 -6.31 -11.97 -29.99
CA GLY B 366 -7.51 -12.47 -29.33
C GLY B 366 -7.46 -12.87 -27.86
N LEU B 367 -6.54 -12.30 -27.09
CA LEU B 367 -6.40 -12.64 -25.67
C LEU B 367 -6.11 -11.38 -24.85
N LEU B 368 -6.91 -11.16 -23.82
CA LEU B 368 -6.80 -9.94 -23.01
C LEU B 368 -6.03 -10.16 -21.70
N ALA B 369 -4.89 -9.50 -21.57
CA ALA B 369 -4.08 -9.58 -20.35
C ALA B 369 -3.51 -8.19 -20.05
N LYS B 370 -3.22 -7.95 -18.78
CA LYS B 370 -2.72 -6.65 -18.38
C LYS B 370 -1.37 -6.77 -17.71
N PRO B 371 -0.46 -5.86 -18.03
CA PRO B 371 0.82 -5.90 -17.31
C PRO B 371 0.67 -5.20 -15.97
N THR B 372 1.55 -5.52 -15.03
CA THR B 372 1.70 -4.69 -13.86
C THR B 372 3.19 -4.35 -13.80
N HIS B 373 3.52 -3.09 -13.53
CA HIS B 373 4.83 -2.50 -13.88
C HIS B 373 5.04 -2.53 -15.38
N GLY B 374 6.25 -2.85 -15.82
CA GLY B 374 6.54 -2.81 -17.23
C GLY B 374 7.26 -4.03 -17.76
N ASP B 375 7.32 -5.09 -16.96
CA ASP B 375 8.02 -6.29 -17.41
C ASP B 375 7.29 -7.59 -17.03
N ILE B 376 6.18 -7.47 -16.32
CA ILE B 376 5.46 -8.68 -15.97
CA ILE B 376 5.39 -8.60 -15.81
C ILE B 376 4.01 -8.65 -16.44
N ILE B 377 3.61 -9.79 -17.00
CA ILE B 377 2.25 -9.95 -17.53
C ILE B 377 1.54 -11.04 -16.73
N ARG B 378 0.35 -10.73 -16.27
CA ARG B 378 -0.43 -11.67 -15.48
C ARG B 378 -1.33 -12.54 -16.37
N PHE B 379 -1.41 -13.83 -16.07
CA PHE B 379 -2.34 -14.72 -16.77
C PHE B 379 -3.29 -15.37 -15.77
N ALA B 380 -4.54 -14.93 -15.80
CA ALA B 380 -5.54 -15.33 -14.82
C ALA B 380 -6.90 -15.45 -15.48
N PRO B 381 -7.17 -16.57 -16.14
CA PRO B 381 -8.47 -16.73 -16.81
C PRO B 381 -9.50 -17.26 -15.85
N PRO B 382 -10.80 -17.09 -16.17
CA PRO B 382 -11.82 -17.66 -15.29
C PRO B 382 -11.62 -19.16 -15.10
N LEU B 383 -12.04 -19.65 -13.94
CA LEU B 383 -11.70 -21.00 -13.51
C LEU B 383 -12.56 -22.05 -14.23
N VAL B 384 -13.57 -21.59 -14.96
CA VAL B 384 -14.42 -22.50 -15.75
C VAL B 384 -13.77 -22.91 -17.07
N ILE B 385 -12.58 -22.37 -17.35
CA ILE B 385 -11.90 -22.70 -18.60
C ILE B 385 -11.60 -24.21 -18.69
N LYS B 386 -11.72 -24.77 -19.90
CA LYS B 386 -11.48 -26.19 -20.13
C LYS B 386 -10.09 -26.37 -20.70
N GLU B 387 -9.54 -27.58 -20.60
CA GLU B 387 -8.18 -27.81 -21.06
C GLU B 387 -7.95 -27.44 -22.53
N ASP B 388 -8.92 -27.75 -23.41
CA ASP B 388 -8.71 -27.46 -24.82
C ASP B 388 -8.67 -25.95 -25.08
N GLU B 389 -9.53 -25.21 -24.37
CA GLU B 389 -9.53 -23.75 -24.44
C GLU B 389 -8.23 -23.15 -23.91
N LEU B 390 -7.70 -23.75 -22.84
CA LEU B 390 -6.42 -23.28 -22.28
C LEU B 390 -5.31 -23.48 -23.30
N ARG B 391 -5.29 -24.63 -23.96
CA ARG B 391 -4.25 -24.91 -24.94
C ARG B 391 -4.36 -23.99 -26.15
N GLU B 392 -5.57 -23.62 -26.53
CA GLU B 392 -5.75 -22.62 -27.57
C GLU B 392 -5.15 -21.28 -27.13
N SER B 393 -5.40 -20.90 -25.88
CA SER B 393 -4.81 -19.69 -25.31
C SER B 393 -3.30 -19.72 -25.33
N ILE B 394 -2.75 -20.87 -24.93
CA ILE B 394 -1.32 -21.05 -24.92
C ILE B 394 -0.74 -20.86 -26.31
N GLU B 395 -1.43 -21.37 -27.33
CA GLU B 395 -0.98 -21.16 -28.72
C GLU B 395 -0.93 -19.68 -29.07
N ILE B 396 -1.95 -18.94 -28.64
CA ILE B 396 -1.99 -17.50 -28.87
C ILE B 396 -0.82 -16.79 -28.18
N ILE B 397 -0.48 -17.26 -26.98
CA ILE B 397 0.60 -16.64 -26.25
C ILE B 397 1.94 -16.97 -26.93
N ASN B 398 2.12 -18.23 -27.33
CA ASN B 398 3.32 -18.61 -28.07
C ASN B 398 3.48 -17.76 -29.32
N LYS B 399 2.40 -17.70 -30.11
CA LYS B 399 2.39 -16.98 -31.38
C LYS B 399 2.83 -15.53 -31.19
N THR B 400 2.28 -14.91 -30.17
CA THR B 400 2.54 -13.50 -29.91
C THR B 400 3.97 -13.27 -29.45
N ILE B 401 4.40 -14.06 -28.46
CA ILE B 401 5.72 -13.89 -27.89
C ILE B 401 6.79 -14.14 -28.96
N LEU B 402 6.64 -15.21 -29.72
CA LEU B 402 7.62 -15.58 -30.74
C LEU B 402 7.57 -14.68 -31.98
N SER B 403 6.56 -13.80 -32.05
CA SER B 403 6.41 -12.89 -33.18
C SER B 403 7.28 -11.64 -33.08
N PHE B 404 7.85 -11.39 -31.90
CA PHE B 404 8.65 -10.20 -31.70
C PHE B 404 10.11 -10.42 -32.11
N GLY C 1 58.33 -30.38 5.42
CA GLY C 1 58.70 -29.11 4.80
C GLY C 1 57.77 -27.97 5.19
N PRO C 2 57.68 -26.94 4.32
CA PRO C 2 56.80 -25.79 4.52
C PRO C 2 55.34 -26.16 4.28
N PRO C 3 54.42 -25.42 4.91
CA PRO C 3 52.99 -25.75 4.84
C PRO C 3 52.40 -25.60 3.44
N THR C 4 51.61 -26.58 3.01
CA THR C 4 50.89 -26.46 1.75
C THR C 4 49.61 -25.68 1.95
N SER C 5 48.95 -25.37 0.83
CA SER C 5 47.65 -24.70 0.88
C SER C 5 46.69 -25.52 1.71
N ASP C 6 46.67 -26.83 1.50
CA ASP C 6 45.76 -27.71 2.24
CA ASP C 6 45.75 -27.70 2.24
C ASP C 6 46.08 -27.71 3.74
N ASP C 7 47.37 -27.68 4.06
CA ASP C 7 47.81 -27.60 5.45
C ASP C 7 47.28 -26.32 6.10
N ILE C 8 47.42 -25.21 5.38
CA ILE C 8 46.96 -23.93 5.84
C ILE C 8 45.45 -23.93 6.09
N PHE C 9 44.66 -24.49 5.17
CA PHE C 9 43.21 -24.55 5.35
C PHE C 9 42.85 -25.33 6.60
N GLU C 10 43.47 -26.51 6.77
CA GLU C 10 43.08 -27.40 7.86
C GLU C 10 43.50 -26.87 9.22
N ARG C 11 44.56 -26.08 9.26
CA ARG C 11 44.99 -25.51 10.52
C ARG C 11 44.01 -24.44 11.01
N GLU C 12 43.51 -23.60 10.10
CA GLU C 12 42.55 -22.57 10.49
C GLU C 12 41.25 -23.22 10.88
N TYR C 13 40.91 -24.33 10.23
CA TYR C 13 39.67 -25.02 10.53
C TYR C 13 39.70 -25.53 11.98
N LYS C 14 40.89 -25.93 12.44
CA LYS C 14 41.02 -26.49 13.78
C LYS C 14 41.05 -25.41 14.87
N TYR C 15 41.79 -24.33 14.63
CA TYR C 15 42.08 -23.37 15.69
C TYR C 15 41.41 -22.02 15.53
N GLY C 16 40.79 -21.77 14.39
CA GLY C 16 40.10 -20.51 14.16
C GLY C 16 38.59 -20.66 14.14
N ALA C 17 37.90 -19.57 14.48
CA ALA C 17 36.45 -19.53 14.38
C ALA C 17 36.03 -19.78 12.91
N HIS C 18 34.86 -20.36 12.72
CA HIS C 18 34.34 -20.62 11.38
C HIS C 18 33.37 -19.54 10.92
N ASN C 19 33.72 -18.28 11.10
CA ASN C 19 32.77 -17.22 10.78
C ASN C 19 32.86 -16.73 9.33
N TYR C 20 33.81 -17.27 8.57
CA TYR C 20 33.97 -16.91 7.15
C TYR C 20 33.79 -18.09 6.20
N HIS C 21 33.40 -17.79 4.96
CA HIS C 21 33.39 -18.78 3.89
C HIS C 21 34.36 -18.35 2.80
N PRO C 22 35.64 -18.65 3.02
CA PRO C 22 36.71 -18.15 2.14
C PRO C 22 36.84 -18.96 0.86
N LEU C 23 37.32 -18.30 -0.19
CA LEU C 23 37.74 -18.98 -1.42
C LEU C 23 39.01 -19.78 -1.13
N PRO C 24 39.01 -21.09 -1.43
CA PRO C 24 40.16 -21.93 -1.10
C PRO C 24 41.42 -21.59 -1.87
N VAL C 25 42.16 -20.61 -1.37
CA VAL C 25 43.45 -20.19 -1.92
C VAL C 25 44.28 -19.56 -0.78
N ALA C 26 45.58 -19.85 -0.74
CA ALA C 26 46.40 -19.44 0.41
C ALA C 26 47.55 -18.52 0.02
N LEU C 27 47.37 -17.22 0.22
CA LEU C 27 48.33 -16.22 -0.24
C LEU C 27 49.45 -15.96 0.76
N GLU C 28 50.64 -15.61 0.26
CA GLU C 28 51.76 -15.32 1.15
C GLU C 28 52.47 -14.02 0.76
N ARG C 29 52.19 -13.51 -0.43
CA ARG C 29 52.85 -12.30 -0.90
C ARG C 29 51.90 -11.46 -1.75
N GLY C 30 52.07 -10.15 -1.69
CA GLY C 30 51.23 -9.26 -2.47
C GLY C 30 52.03 -8.06 -2.88
N LYS C 31 51.82 -7.61 -4.11
CA LYS C 31 52.53 -6.44 -4.62
C LYS C 31 51.74 -5.81 -5.76
N GLY C 32 51.31 -4.57 -5.55
CA GLY C 32 50.48 -3.88 -6.54
C GLY C 32 49.19 -4.63 -6.79
N ILE C 33 48.95 -4.99 -8.04
CA ILE C 33 47.70 -5.66 -8.39
C ILE C 33 47.77 -7.16 -8.20
N TYR C 34 48.95 -7.68 -7.86
CA TYR C 34 49.15 -9.13 -7.82
C TYR C 34 49.30 -9.74 -6.42
N LEU C 35 48.92 -11.02 -6.33
CA LEU C 35 49.07 -11.84 -5.13
C LEU C 35 49.67 -13.20 -5.52
N TRP C 36 50.54 -13.75 -4.67
CA TRP C 36 51.14 -15.07 -4.89
C TRP C 36 50.74 -16.04 -3.79
N ASP C 37 50.39 -17.28 -4.14
CA ASP C 37 50.05 -18.25 -3.10
C ASP C 37 51.30 -19.02 -2.68
N VAL C 38 51.15 -19.93 -1.72
CA VAL C 38 52.32 -20.61 -1.14
C VAL C 38 52.94 -21.64 -2.09
N GLU C 39 52.21 -21.99 -3.15
CA GLU C 39 52.76 -22.87 -4.17
C GLU C 39 53.47 -22.06 -5.27
N GLY C 40 53.45 -20.74 -5.14
CA GLY C 40 54.16 -19.88 -6.08
C GLY C 40 53.31 -19.29 -7.21
N ARG C 41 52.06 -19.72 -7.33
CA ARG C 41 51.15 -19.25 -8.37
C ARG C 41 50.80 -17.77 -8.20
N LYS C 42 50.60 -17.08 -9.32
CA LYS C 42 50.36 -15.64 -9.32
C LYS C 42 48.93 -15.32 -9.75
N TYR C 43 48.30 -14.35 -9.08
CA TYR C 43 46.91 -13.98 -9.37
C TYR C 43 46.71 -12.48 -9.47
N PHE C 44 45.76 -12.07 -10.30
CA PHE C 44 45.23 -10.71 -10.27
C PHE C 44 44.33 -10.60 -9.03
N ASP C 45 44.46 -9.52 -8.29
CA ASP C 45 43.56 -9.27 -7.15
C ASP C 45 42.38 -8.45 -7.63
N PHE C 46 41.21 -9.09 -7.76
CA PHE C 46 40.03 -8.32 -8.14
C PHE C 46 39.03 -8.22 -6.99
N LEU C 47 39.55 -8.28 -5.77
CA LEU C 47 38.74 -7.99 -4.57
C LEU C 47 39.27 -6.74 -3.87
N SER C 48 40.59 -6.56 -3.91
CA SER C 48 41.25 -5.42 -3.26
C SER C 48 40.92 -5.36 -1.77
N SER C 49 40.74 -6.55 -1.17
CA SER C 49 40.33 -6.66 0.22
C SER C 49 39.15 -5.75 0.52
N TYR C 50 38.05 -5.93 -0.21
CA TYR C 50 36.84 -5.13 -0.01
C TYR C 50 37.12 -3.65 -0.17
N SER C 51 38.08 -3.35 -1.04
CA SER C 51 38.45 -2.00 -1.45
C SER C 51 39.28 -1.27 -0.39
N ALA C 52 40.03 -2.04 0.39
CA ALA C 52 40.98 -1.43 1.32
C ALA C 52 42.38 -1.25 0.72
N VAL C 53 42.69 -1.93 -0.39
CA VAL C 53 43.99 -1.70 -1.02
C VAL C 53 43.83 -1.06 -2.41
N ASN C 54 43.22 0.12 -2.43
CA ASN C 54 43.11 0.90 -3.65
C ASN C 54 44.47 1.23 -4.25
N GLN C 55 45.44 1.43 -3.36
CA GLN C 55 46.78 1.85 -3.74
C GLN C 55 47.65 0.67 -4.11
N GLY C 56 47.04 -0.51 -4.16
CA GLY C 56 47.77 -1.75 -4.44
C GLY C 56 48.43 -2.31 -3.19
N HIS C 57 48.73 -3.60 -3.19
CA HIS C 57 49.38 -4.20 -2.03
C HIS C 57 50.78 -3.66 -1.83
N CYS C 58 51.09 -3.33 -0.57
CA CYS C 58 52.44 -2.98 -0.15
C CYS C 58 53.04 -1.81 -0.92
N HIS C 59 52.25 -0.75 -1.10
CA HIS C 59 52.76 0.44 -1.78
C HIS C 59 53.96 1.01 -1.01
N PRO C 60 55.10 1.12 -1.71
CA PRO C 60 56.37 1.54 -1.12
C PRO C 60 56.30 2.84 -0.32
N LYS C 61 55.52 3.81 -0.77
CA LYS C 61 55.45 5.09 -0.08
C LYS C 61 54.73 4.96 1.26
N ILE C 62 53.69 4.14 1.30
CA ILE C 62 52.93 3.91 2.52
C ILE C 62 53.77 3.03 3.45
N VAL C 63 54.41 2.02 2.90
CA VAL C 63 55.31 1.15 3.66
C VAL C 63 56.43 1.98 4.30
N ASN C 64 57.00 2.90 3.53
CA ASN C 64 58.08 3.74 4.05
CA ASN C 64 58.07 3.76 4.03
C ASN C 64 57.60 4.60 5.21
N ALA C 65 56.35 5.07 5.14
CA ALA C 65 55.79 5.87 6.21
C ALA C 65 55.67 5.04 7.49
N LEU C 66 55.18 3.81 7.33
CA LEU C 66 55.06 2.88 8.44
C LEU C 66 56.42 2.63 9.09
N LYS C 67 57.39 2.25 8.27
CA LYS C 67 58.71 1.90 8.79
C LYS C 67 59.38 3.08 9.49
N SER C 68 59.18 4.27 8.95
CA SER C 68 59.79 5.45 9.53
C SER C 68 59.22 5.73 10.92
N GLN C 69 57.91 5.66 11.06
CA GLN C 69 57.24 6.07 12.29
C GLN C 69 57.31 5.01 13.38
N VAL C 70 57.40 3.75 12.99
CA VAL C 70 57.39 2.66 13.96
C VAL C 70 58.64 2.71 14.86
N ASP C 71 59.71 3.34 14.36
CA ASP C 71 60.94 3.48 15.16
C ASP C 71 60.87 4.66 16.13
N LYS C 72 59.89 5.53 15.94
CA LYS C 72 59.78 6.76 16.72
C LYS C 72 58.79 6.66 17.89
N LEU C 73 57.54 6.34 17.56
CA LEU C 73 56.46 6.32 18.54
C LEU C 73 55.21 5.76 17.86
N THR C 74 54.52 4.84 18.50
CA THR C 74 53.37 4.21 17.87
C THR C 74 52.05 4.46 18.59
N LEU C 75 52.08 4.56 19.91
CA LEU C 75 50.84 4.70 20.66
C LEU C 75 51.00 5.45 21.98
N THR C 76 50.35 6.61 22.09
CA THR C 76 50.31 7.32 23.36
C THR C 76 48.93 7.28 24.02
N SER C 77 47.92 6.91 23.22
CA SER C 77 46.50 7.16 23.49
C SER C 77 46.24 8.66 23.38
N ARG C 78 44.98 9.07 23.39
CA ARG C 78 44.67 10.49 23.25
C ARG C 78 44.53 11.16 24.64
N ALA C 79 44.89 10.43 25.69
CA ALA C 79 45.05 11.01 27.03
C ALA C 79 46.26 11.96 27.09
N PHE C 80 47.19 11.78 26.16
CA PHE C 80 48.26 12.76 25.90
C PHE C 80 48.21 13.19 24.43
N TYR C 81 48.96 14.24 24.09
CA TYR C 81 49.15 14.61 22.69
C TYR C 81 50.39 13.94 22.10
N ASN C 82 50.40 13.76 20.79
CA ASN C 82 51.64 13.52 20.08
C ASN C 82 51.79 14.52 18.94
N ASN C 83 52.89 14.45 18.21
CA ASN C 83 53.18 15.47 17.20
C ASN C 83 52.60 15.16 15.84
N VAL C 84 51.94 14.00 15.69
CA VAL C 84 51.49 13.55 14.38
C VAL C 84 50.00 13.79 14.10
N LEU C 85 49.14 13.52 15.10
CA LEU C 85 47.69 13.54 14.89
C LEU C 85 47.16 14.88 14.34
N GLY C 86 47.62 16.00 14.88
CA GLY C 86 47.17 17.30 14.44
C GLY C 86 47.49 17.58 12.98
N GLU C 87 48.62 17.05 12.53
CA GLU C 87 49.06 17.24 11.16
C GLU C 87 48.13 16.49 10.21
N TYR C 88 47.86 15.24 10.54
CA TYR C 88 46.88 14.44 9.82
C TYR C 88 45.50 15.10 9.82
N GLU C 89 45.08 15.63 10.97
CA GLU C 89 43.76 16.24 11.07
C GLU C 89 43.62 17.47 10.17
N GLU C 90 44.64 18.30 10.14
CA GLU C 90 44.62 19.46 9.26
C GLU C 90 44.58 19.03 7.80
N TYR C 91 45.41 18.03 7.47
CA TYR C 91 45.53 17.56 6.11
C TYR C 91 44.22 17.00 5.57
N ILE C 92 43.62 16.08 6.32
CA ILE C 92 42.41 15.43 5.83
C ILE C 92 41.22 16.39 5.86
N THR C 93 41.14 17.29 6.84
CA THR C 93 39.97 18.17 6.90
C THR C 93 40.00 19.20 5.78
N LYS C 94 41.20 19.64 5.40
CA LYS C 94 41.28 20.62 4.33
C LYS C 94 41.05 19.94 2.98
N LEU C 95 41.47 18.68 2.90
CA LEU C 95 41.30 17.89 1.69
C LEU C 95 39.82 17.69 1.35
N PHE C 96 38.99 17.41 2.35
CA PHE C 96 37.57 17.14 2.09
C PHE C 96 36.68 18.32 2.45
N ASN C 97 37.29 19.37 2.98
CA ASN C 97 36.62 20.63 3.30
C ASN C 97 35.50 20.50 4.35
N TYR C 98 35.84 19.91 5.49
CA TYR C 98 34.99 19.94 6.68
C TYR C 98 35.82 20.55 7.81
N HIS C 99 35.16 21.13 8.81
CA HIS C 99 35.88 21.75 9.93
C HIS C 99 36.76 20.74 10.66
N LYS C 100 36.21 19.58 10.99
CA LYS C 100 36.88 18.67 11.91
C LYS C 100 36.80 17.21 11.50
N VAL C 101 37.71 16.42 12.05
CA VAL C 101 37.66 14.98 11.87
C VAL C 101 37.73 14.29 13.24
N LEU C 102 37.00 13.19 13.39
CA LEU C 102 37.15 12.34 14.58
C LEU C 102 37.71 11.00 14.14
N PRO C 103 38.92 10.65 14.62
CA PRO C 103 39.65 9.47 14.18
C PRO C 103 39.25 8.20 14.92
N MET C 104 39.06 7.11 14.19
CA MET C 104 38.70 5.84 14.82
C MET C 104 39.50 4.79 14.08
N ASN C 105 39.25 3.51 14.34
CA ASN C 105 40.07 2.47 13.73
C ASN C 105 39.39 1.70 12.59
N THR C 106 38.22 1.13 12.86
CA THR C 106 37.57 0.31 11.86
C THR C 106 36.35 1.04 11.29
N GLY C 107 35.83 0.52 10.18
CA GLY C 107 34.69 1.13 9.51
C GLY C 107 33.46 1.16 10.40
N VAL C 108 33.19 0.04 11.08
CA VAL C 108 31.98 -0.02 11.89
C VAL C 108 32.06 0.97 13.07
N GLU C 109 33.28 1.24 13.54
CA GLU C 109 33.49 2.23 14.60
C GLU C 109 33.17 3.65 14.13
N ALA C 110 33.51 3.92 12.87
CA ALA C 110 33.20 5.23 12.32
C ALA C 110 31.68 5.35 12.20
N GLY C 111 31.03 4.26 11.81
CA GLY C 111 29.59 4.25 11.71
C GLY C 111 28.92 4.46 13.05
N GLU C 112 29.40 3.75 14.08
CA GLU C 112 28.87 3.93 15.43
C GLU C 112 29.02 5.38 15.88
N THR C 113 30.17 5.95 15.58
CA THR C 113 30.47 7.34 15.93
C THR C 113 29.48 8.29 15.26
N ALA C 114 29.18 8.04 13.98
CA ALA C 114 28.22 8.89 13.28
C ALA C 114 26.82 8.77 13.89
N CYS C 115 26.43 7.56 14.30
CA CYS C 115 25.12 7.40 14.93
C CYS C 115 25.06 8.17 16.26
N LYS C 116 26.15 8.13 17.01
CA LYS C 116 26.22 8.88 18.28
C LYS C 116 26.18 10.38 18.02
N LEU C 117 26.96 10.85 17.05
CA LEU C 117 26.87 12.25 16.64
C LEU C 117 25.44 12.66 16.27
N ALA C 118 24.77 11.84 15.46
CA ALA C 118 23.42 12.19 15.01
C ALA C 118 22.45 12.28 16.16
N ARG C 119 22.52 11.31 17.05
CA ARG C 119 21.65 11.30 18.23
C ARG C 119 21.93 12.50 19.13
N LYS C 120 23.20 12.71 19.44
CA LYS C 120 23.61 13.82 20.31
CA LYS C 120 23.60 13.82 20.31
C LYS C 120 23.18 15.17 19.71
N TRP C 121 23.36 15.30 18.40
CA TRP C 121 22.92 16.52 17.70
C TRP C 121 21.38 16.61 17.72
N GLY C 122 20.72 15.47 17.55
CA GLY C 122 19.28 15.42 17.58
C GLY C 122 18.72 15.94 18.90
N TYR C 123 19.31 15.51 20.00
CA TYR C 123 18.85 15.91 21.34
C TYR C 123 19.26 17.34 21.70
N THR C 124 20.53 17.68 21.49
CA THR C 124 21.04 18.94 22.03
C THR C 124 20.87 20.13 21.09
N VAL C 125 20.63 19.88 19.80
CA VAL C 125 20.46 20.97 18.84
C VAL C 125 19.08 20.95 18.22
N LYS C 126 18.67 19.81 17.67
CA LYS C 126 17.35 19.76 17.04
C LYS C 126 16.23 19.84 18.08
N GLY C 127 16.51 19.39 19.30
CA GLY C 127 15.51 19.48 20.37
C GLY C 127 14.59 18.28 20.51
N ILE C 128 15.02 17.13 20.01
CA ILE C 128 14.27 15.88 20.16
C ILE C 128 14.30 15.48 21.65
N GLN C 129 13.17 15.04 22.19
CA GLN C 129 13.12 14.56 23.56
C GLN C 129 13.96 13.29 23.73
N LYS C 130 14.76 13.22 24.79
CA LYS C 130 15.50 12.00 25.10
C LYS C 130 14.53 10.91 25.58
N TYR C 131 14.57 9.70 25.01
CA TYR C 131 15.48 9.26 23.96
C TYR C 131 14.67 8.81 22.74
N LYS C 132 14.06 9.76 22.05
CA LYS C 132 13.11 9.44 20.98
C LYS C 132 13.69 9.58 19.60
N ALA C 133 15.01 9.79 19.49
CA ALA C 133 15.61 10.05 18.19
C ALA C 133 15.69 8.81 17.31
N LYS C 134 15.41 8.99 16.02
CA LYS C 134 15.49 7.90 15.06
C LYS C 134 16.58 8.14 14.03
N ILE C 135 17.16 7.06 13.53
CA ILE C 135 18.05 7.13 12.40
C ILE C 135 17.48 6.24 11.30
N VAL C 136 17.41 6.76 10.08
CA VAL C 136 16.88 5.99 8.95
C VAL C 136 17.99 5.40 8.11
N PHE C 137 17.82 4.14 7.70
CA PHE C 137 18.79 3.40 6.86
C PHE C 137 18.09 2.89 5.59
N ALA C 138 18.89 2.55 4.59
CA ALA C 138 18.38 1.95 3.35
C ALA C 138 18.54 0.42 3.39
N ALA C 139 17.48 -0.28 3.02
CA ALA C 139 17.56 -1.72 2.86
C ALA C 139 18.73 -2.07 1.95
N GLY C 140 19.43 -3.15 2.31
CA GLY C 140 20.64 -3.53 1.63
C GLY C 140 21.90 -2.93 2.21
N ASN C 141 21.80 -2.08 3.22
CA ASN C 141 23.01 -1.48 3.81
C ASN C 141 23.90 -2.51 4.49
N PHE C 142 25.20 -2.31 4.38
CA PHE C 142 26.18 -3.06 5.16
C PHE C 142 27.16 -2.05 5.75
N TRP C 143 27.26 -1.98 7.07
CA TRP C 143 28.32 -1.14 7.61
C TRP C 143 29.04 -1.75 8.82
N GLY C 144 29.02 -3.07 8.92
CA GLY C 144 29.77 -3.74 9.96
C GLY C 144 28.93 -4.70 10.79
N ARG C 145 29.52 -5.24 11.84
CA ARG C 145 28.92 -6.38 12.52
C ARG C 145 28.76 -6.23 14.04
N THR C 146 28.80 -5.00 14.54
CA THR C 146 28.37 -4.71 15.90
C THR C 146 26.86 -4.97 16.04
N LEU C 147 26.39 -5.10 17.28
CA LEU C 147 24.97 -5.31 17.54
C LEU C 147 24.15 -4.18 16.93
N SER C 148 24.68 -2.96 17.00
CA SER C 148 23.98 -1.82 16.43
C SER C 148 23.92 -1.91 14.91
N ALA C 149 25.05 -2.22 14.29
CA ALA C 149 25.10 -2.29 12.82
C ALA C 149 24.13 -3.35 12.27
N ILE C 150 24.12 -4.55 12.83
CA ILE C 150 23.23 -5.58 12.32
C ILE C 150 21.77 -5.30 12.68
N SER C 151 21.53 -4.37 13.61
CA SER C 151 20.16 -4.00 13.90
C SER C 151 19.53 -3.21 12.76
N SER C 152 20.36 -2.64 11.89
CA SER C 152 19.84 -1.87 10.76
C SER C 152 19.87 -2.69 9.47
N SER C 153 20.37 -3.92 9.55
CA SER C 153 20.49 -4.79 8.38
C SER C 153 19.17 -5.41 7.96
N THR C 154 18.98 -5.59 6.66
CA THR C 154 17.84 -6.40 6.20
C THR C 154 18.33 -7.78 5.77
N ASP C 155 19.58 -8.13 6.07
CA ASP C 155 20.08 -9.45 5.71
C ASP C 155 20.07 -10.41 6.91
N PRO C 156 19.20 -11.44 6.87
CA PRO C 156 19.08 -12.37 8.01
C PRO C 156 20.41 -13.01 8.41
N THR C 157 21.29 -13.27 7.45
CA THR C 157 22.60 -13.82 7.79
C THR C 157 23.36 -12.91 8.77
N SER C 158 23.11 -11.60 8.68
CA SER C 158 23.77 -10.65 9.59
C SER C 158 23.12 -10.57 10.97
N TYR C 159 21.79 -10.65 11.05
CA TYR C 159 21.16 -10.38 12.35
C TYR C 159 20.50 -11.57 13.03
N ASP C 160 20.19 -12.63 12.29
CA ASP C 160 19.43 -13.76 12.84
CA ASP C 160 19.44 -13.75 12.85
C ASP C 160 20.22 -14.41 13.97
N GLY C 161 19.57 -14.57 15.12
CA GLY C 161 20.20 -15.19 16.28
C GLY C 161 21.02 -14.26 17.18
N PHE C 162 21.02 -12.96 16.89
CA PHE C 162 21.87 -12.02 17.61
C PHE C 162 21.14 -10.89 18.35
N GLY C 163 19.82 -10.96 18.38
CA GLY C 163 19.02 -9.94 19.04
C GLY C 163 18.92 -10.19 20.54
N PRO C 164 18.15 -9.35 21.25
CA PRO C 164 17.30 -8.25 20.74
C PRO C 164 18.07 -7.08 20.16
N PHE C 165 17.35 -6.24 19.43
CA PHE C 165 18.04 -5.28 18.57
C PHE C 165 17.92 -3.83 19.06
N MET C 166 18.85 -3.02 18.59
CA MET C 166 18.88 -1.60 18.90
C MET C 166 17.62 -0.87 18.41
N PRO C 167 16.90 -0.21 19.31
CA PRO C 167 15.70 0.53 18.91
C PRO C 167 16.05 1.85 18.20
N GLY C 168 15.09 2.44 17.51
CA GLY C 168 15.29 3.76 16.90
C GLY C 168 16.01 3.72 15.56
N PHE C 169 16.06 2.54 14.96
CA PHE C 169 16.65 2.37 13.63
C PHE C 169 15.52 1.97 12.67
N ASP C 170 15.25 2.81 11.67
CA ASP C 170 14.18 2.50 10.72
C ASP C 170 14.75 2.25 9.33
N ILE C 171 14.05 1.48 8.52
CA ILE C 171 14.59 1.06 7.23
C ILE C 171 13.61 1.43 6.12
N ILE C 172 14.15 1.97 5.02
CA ILE C 172 13.37 2.25 3.82
C ILE C 172 14.10 1.65 2.64
N PRO C 173 13.41 1.50 1.50
CA PRO C 173 14.13 1.01 0.32
C PRO C 173 15.27 1.93 -0.14
N TYR C 174 16.31 1.34 -0.71
CA TYR C 174 17.36 2.10 -1.36
C TYR C 174 16.84 2.74 -2.64
N ASN C 175 17.50 3.79 -3.11
CA ASN C 175 17.18 4.41 -4.41
C ASN C 175 15.70 4.81 -4.54
N ASP C 176 15.15 5.37 -3.47
CA ASP C 176 13.72 5.62 -3.40
C ASP C 176 13.45 6.95 -2.69
N LEU C 177 13.37 8.03 -3.45
CA LEU C 177 13.16 9.34 -2.85
C LEU C 177 11.78 9.54 -2.24
N PRO C 178 10.71 9.05 -2.90
CA PRO C 178 9.42 9.20 -2.22
C PRO C 178 9.38 8.52 -0.84
N ALA C 179 10.10 7.40 -0.68
CA ALA C 179 10.06 6.70 0.61
C ALA C 179 10.85 7.50 1.65
N LEU C 180 11.95 8.11 1.22
CA LEU C 180 12.71 8.97 2.12
C LEU C 180 11.85 10.14 2.53
N GLU C 181 11.18 10.75 1.57
CA GLU C 181 10.34 11.89 1.88
C GLU C 181 9.25 11.54 2.88
N ARG C 182 8.71 10.33 2.77
CA ARG C 182 7.67 9.88 3.69
C ARG C 182 8.25 9.70 5.10
N ALA C 183 9.42 9.09 5.16
CA ALA C 183 10.08 8.81 6.42
C ALA C 183 10.45 10.09 7.18
N LEU C 184 10.86 11.14 6.47
CA LEU C 184 11.33 12.34 7.14
C LEU C 184 10.21 13.26 7.61
N GLN C 185 8.96 12.83 7.50
CA GLN C 185 7.85 13.59 8.05
C GLN C 185 7.86 13.55 9.58
N ASP C 186 8.57 12.58 10.14
CA ASP C 186 8.67 12.43 11.59
C ASP C 186 9.80 13.33 12.12
N PRO C 187 9.44 14.35 12.92
CA PRO C 187 10.44 15.29 13.43
C PRO C 187 11.42 14.64 14.42
N ASN C 188 11.15 13.41 14.85
CA ASN C 188 12.08 12.69 15.72
C ASN C 188 13.20 12.03 14.96
N VAL C 189 13.14 12.10 13.62
CA VAL C 189 14.23 11.58 12.83
C VAL C 189 15.41 12.54 12.91
N ALA C 190 16.56 12.01 13.29
CA ALA C 190 17.75 12.84 13.42
C ALA C 190 18.65 12.76 12.20
N ALA C 191 18.68 11.61 11.54
CA ALA C 191 19.60 11.42 10.43
C ALA C 191 19.16 10.32 9.46
N PHE C 192 19.72 10.38 8.25
CA PHE C 192 19.58 9.34 7.24
C PHE C 192 21.00 8.94 6.84
N MET C 193 21.32 7.67 7.01
CA MET C 193 22.63 7.14 6.69
C MET C 193 22.52 6.27 5.45
N VAL C 194 23.42 6.47 4.49
CA VAL C 194 23.28 5.78 3.22
C VAL C 194 24.61 5.71 2.48
N GLU C 195 24.80 4.61 1.74
CA GLU C 195 25.93 4.44 0.85
C GLU C 195 25.60 5.02 -0.53
N PRO C 196 26.52 5.80 -1.11
CA PRO C 196 26.30 6.39 -2.45
C PRO C 196 26.15 5.30 -3.51
N ILE C 197 26.82 4.18 -3.28
CA ILE C 197 26.66 2.95 -4.02
C ILE C 197 26.71 1.84 -2.99
N GLN C 198 25.73 0.94 -2.99
CA GLN C 198 25.74 -0.15 -2.00
C GLN C 198 26.70 -1.25 -2.42
N GLY C 199 27.81 -1.35 -1.70
CA GLY C 199 28.86 -2.31 -2.00
C GLY C 199 28.49 -3.77 -1.78
N GLU C 200 28.29 -4.16 -0.53
CA GLU C 200 28.08 -5.57 -0.21
C GLU C 200 26.72 -6.07 -0.67
N ALA C 201 25.79 -5.17 -0.94
CA ALA C 201 24.51 -5.54 -1.48
C ALA C 201 24.65 -6.06 -2.92
N GLY C 202 25.79 -5.77 -3.55
CA GLY C 202 26.08 -6.24 -4.90
C GLY C 202 26.34 -5.14 -5.90
N VAL C 203 27.03 -4.10 -5.44
CA VAL C 203 27.33 -2.91 -6.25
C VAL C 203 26.04 -2.37 -6.85
N VAL C 204 25.12 -1.99 -5.99
CA VAL C 204 23.87 -1.40 -6.41
C VAL C 204 24.03 0.11 -6.56
N VAL C 205 23.98 0.58 -7.81
CA VAL C 205 24.12 1.98 -8.14
C VAL C 205 22.75 2.64 -8.23
N PRO C 206 22.51 3.69 -7.44
CA PRO C 206 21.18 4.32 -7.48
C PRO C 206 21.01 5.16 -8.76
N ASP C 207 19.79 5.57 -9.07
CA ASP C 207 19.51 6.37 -10.27
C ASP C 207 20.18 7.72 -10.20
N PRO C 208 20.56 8.26 -11.37
CA PRO C 208 21.05 9.65 -11.42
C PRO C 208 20.08 10.58 -10.72
N GLY C 209 20.60 11.48 -9.91
CA GLY C 209 19.76 12.40 -9.15
C GLY C 209 19.39 11.96 -7.73
N TYR C 210 19.65 10.70 -7.39
CA TYR C 210 19.31 10.18 -6.08
C TYR C 210 19.99 10.99 -4.98
N LEU C 211 21.30 11.15 -5.10
CA LEU C 211 22.09 11.79 -4.05
C LEU C 211 21.68 13.26 -3.90
N MET C 212 21.47 13.95 -5.00
CA MET C 212 20.95 15.32 -4.95
C MET C 212 19.58 15.38 -4.24
N GLY C 213 18.73 14.40 -4.52
CA GLY C 213 17.40 14.36 -3.93
C GLY C 213 17.47 14.09 -2.43
N VAL C 214 18.38 13.21 -2.02
CA VAL C 214 18.62 12.97 -0.60
C VAL C 214 19.07 14.25 0.11
N ARG C 215 20.07 14.91 -0.47
CA ARG C 215 20.61 16.14 0.11
C ARG C 215 19.51 17.17 0.26
N GLU C 216 18.67 17.31 -0.76
CA GLU C 216 17.62 18.30 -0.71
C GLU C 216 16.58 17.95 0.35
N LEU C 217 16.21 16.68 0.44
CA LEU C 217 15.16 16.28 1.38
C LEU C 217 15.64 16.40 2.83
N CYS C 218 16.90 16.04 3.06
CA CYS C 218 17.48 16.13 4.39
C CYS C 218 17.55 17.58 4.85
N THR C 219 17.97 18.47 3.95
CA THR C 219 18.00 19.89 4.26
C THR C 219 16.61 20.43 4.58
N ARG C 220 15.65 20.09 3.73
CA ARG C 220 14.29 20.59 3.88
C ARG C 220 13.66 20.19 5.21
N HIS C 221 13.96 18.98 5.70
CA HIS C 221 13.33 18.52 6.92
C HIS C 221 14.24 18.53 8.16
N GLN C 222 15.37 19.22 8.06
CA GLN C 222 16.33 19.39 9.18
C GLN C 222 16.80 18.02 9.68
N VAL C 223 17.33 17.21 8.77
CA VAL C 223 17.79 15.86 9.10
C VAL C 223 19.23 15.76 8.63
N LEU C 224 20.10 15.09 9.39
CA LEU C 224 21.48 14.97 8.96
C LEU C 224 21.64 13.93 7.87
N PHE C 225 22.39 14.28 6.82
CA PHE C 225 22.72 13.36 5.75
C PHE C 225 24.10 12.76 6.02
N ILE C 226 24.11 11.48 6.39
CA ILE C 226 25.36 10.76 6.64
C ILE C 226 25.71 9.91 5.43
N ALA C 227 26.86 10.19 4.81
CA ALA C 227 27.30 9.43 3.65
C ALA C 227 28.37 8.42 4.02
N ASP C 228 28.05 7.14 3.93
CA ASP C 228 29.04 6.12 4.23
C ASP C 228 29.89 5.86 2.98
N GLU C 229 31.09 6.45 2.94
CA GLU C 229 32.01 6.30 1.82
C GLU C 229 33.18 5.40 2.17
N ILE C 230 32.98 4.49 3.12
CA ILE C 230 34.05 3.62 3.59
C ILE C 230 34.51 2.68 2.49
N GLN C 231 33.59 2.29 1.60
CA GLN C 231 33.96 1.48 0.45
C GLN C 231 34.01 2.30 -0.85
N THR C 232 33.10 3.26 -1.02
CA THR C 232 33.04 3.98 -2.28
C THR C 232 33.99 5.18 -2.39
N GLY C 233 34.58 5.60 -1.29
CA GLY C 233 35.41 6.80 -1.33
C GLY C 233 36.84 6.55 -1.79
N LEU C 234 37.66 7.60 -1.69
CA LEU C 234 39.12 7.50 -1.90
C LEU C 234 39.44 6.90 -3.27
N ALA C 235 38.81 7.47 -4.29
CA ALA C 235 39.09 7.26 -5.72
C ALA C 235 38.50 6.01 -6.33
N ARG C 236 37.98 5.10 -5.49
CA ARG C 236 37.48 3.81 -5.99
C ARG C 236 36.42 3.94 -7.11
N THR C 237 35.55 4.95 -7.01
CA THR C 237 34.50 5.10 -8.00
C THR C 237 34.87 6.12 -9.06
N GLY C 238 36.07 6.67 -8.97
CA GLY C 238 36.54 7.62 -9.96
C GLY C 238 36.46 9.07 -9.52
N ARG C 239 36.14 9.28 -8.24
CA ARG C 239 36.16 10.61 -7.63
C ARG C 239 36.73 10.48 -6.22
N TRP C 240 37.13 11.59 -5.60
CA TRP C 240 37.55 11.56 -4.20
C TRP C 240 36.46 10.93 -3.34
N LEU C 241 35.22 11.31 -3.63
CA LEU C 241 34.04 10.71 -3.01
C LEU C 241 33.00 10.45 -4.07
N ALA C 242 32.23 9.37 -3.94
CA ALA C 242 31.20 9.05 -4.91
C ALA C 242 30.14 10.14 -4.96
N VAL C 243 29.91 10.85 -3.86
CA VAL C 243 28.93 11.93 -3.88
C VAL C 243 29.38 13.11 -4.76
N ASP C 244 30.67 13.15 -5.07
CA ASP C 244 31.21 14.23 -5.91
C ASP C 244 30.64 14.22 -7.34
N TYR C 245 30.22 13.06 -7.81
CA TYR C 245 29.53 12.94 -9.11
C TYR C 245 28.29 13.82 -9.21
N GLU C 246 27.67 14.14 -8.08
CA GLU C 246 26.48 14.99 -8.11
C GLU C 246 26.70 16.31 -7.36
N ASN C 247 27.97 16.62 -7.08
CA ASN C 247 28.34 17.83 -6.34
C ASN C 247 27.51 17.99 -5.07
N VAL C 248 27.39 16.90 -4.31
CA VAL C 248 26.59 16.89 -3.10
C VAL C 248 27.50 16.93 -1.87
N ARG C 249 27.13 17.75 -0.89
CA ARG C 249 27.87 17.84 0.38
C ARG C 249 27.06 17.24 1.54
N PRO C 250 27.41 16.02 1.95
CA PRO C 250 26.71 15.43 3.11
C PRO C 250 27.03 16.18 4.40
N ASP C 251 26.23 15.99 5.45
CA ASP C 251 26.53 16.59 6.75
C ASP C 251 27.65 15.84 7.47
N ILE C 252 27.67 14.52 7.31
CA ILE C 252 28.71 13.68 7.86
C ILE C 252 29.25 12.72 6.80
N VAL C 253 30.57 12.64 6.69
CA VAL C 253 31.20 11.68 5.78
C VAL C 253 32.02 10.65 6.55
N LEU C 254 31.80 9.38 6.20
CA LEU C 254 32.56 8.27 6.78
C LEU C 254 33.61 7.74 5.82
N LEU C 255 34.86 7.65 6.29
CA LEU C 255 35.93 7.04 5.51
C LEU C 255 36.58 5.89 6.26
N GLY C 256 37.19 4.96 5.52
CA GLY C 256 37.83 3.82 6.15
C GLY C 256 38.55 3.03 5.11
N LYS C 257 38.73 1.73 5.38
CA LYS C 257 39.30 0.74 4.42
C LYS C 257 40.55 1.25 3.72
N ALA C 258 40.41 1.90 2.57
CA ALA C 258 41.59 2.32 1.79
C ALA C 258 42.29 3.55 2.35
N LEU C 259 41.74 4.10 3.43
CA LEU C 259 42.36 5.26 4.06
C LEU C 259 43.80 4.96 4.50
N SER C 260 44.14 3.68 4.62
CA SER C 260 45.47 3.27 5.07
C SER C 260 46.23 2.46 4.04
N GLY C 261 45.64 2.26 2.86
CA GLY C 261 46.25 1.40 1.87
C GLY C 261 46.37 -0.04 2.30
N GLY C 262 45.60 -0.44 3.31
CA GLY C 262 45.62 -1.82 3.79
C GLY C 262 46.68 -2.11 4.84
N LEU C 263 47.42 -1.09 5.24
CA LEU C 263 48.55 -1.28 6.17
C LEU C 263 48.18 -1.11 7.64
N TYR C 264 46.99 -0.60 7.93
CA TYR C 264 46.64 -0.26 9.30
C TYR C 264 45.15 0.06 9.43
N PRO C 265 44.49 -0.39 10.50
CA PRO C 265 43.07 -0.06 10.50
C PRO C 265 42.85 1.39 10.91
N VAL C 266 42.50 2.24 9.94
CA VAL C 266 42.23 3.65 10.18
C VAL C 266 40.88 4.07 9.59
N SER C 267 40.04 4.73 10.39
CA SER C 267 38.78 5.26 9.86
C SER C 267 38.58 6.68 10.34
N ALA C 268 37.69 7.40 9.69
CA ALA C 268 37.52 8.80 10.02
C ALA C 268 36.08 9.24 9.89
N VAL C 269 35.69 10.17 10.75
CA VAL C 269 34.38 10.78 10.67
C VAL C 269 34.58 12.27 10.45
N LEU C 270 34.05 12.78 9.35
CA LEU C 270 34.22 14.19 8.96
C LEU C 270 32.90 14.95 9.04
N CYS C 271 32.92 16.09 9.74
CA CYS C 271 31.77 16.99 9.76
C CYS C 271 32.13 18.37 10.31
N ASP C 272 31.20 19.31 10.21
CA ASP C 272 31.43 20.67 10.67
C ASP C 272 31.21 20.81 12.17
N ASP C 273 31.59 21.97 12.72
CA ASP C 273 31.58 22.18 14.17
C ASP C 273 30.20 22.08 14.83
N ASP C 274 29.15 22.55 14.17
CA ASP C 274 27.81 22.51 14.75
CA ASP C 274 27.82 22.52 14.76
C ASP C 274 27.38 21.07 15.04
N ILE C 275 28.00 20.11 14.37
CA ILE C 275 27.69 18.71 14.63
C ILE C 275 28.74 18.07 15.51
N MET C 276 30.01 18.25 15.13
CA MET C 276 31.12 17.56 15.79
C MET C 276 31.22 17.90 17.27
N LEU C 277 31.00 19.16 17.61
CA LEU C 277 31.21 19.62 18.98
C LEU C 277 30.01 19.35 19.91
N THR C 278 29.03 18.58 19.45
CA THR C 278 27.97 18.14 20.36
C THR C 278 28.54 17.09 21.31
N ILE C 279 29.65 16.47 20.91
CA ILE C 279 30.34 15.52 21.77
C ILE C 279 31.44 16.23 22.55
N LYS C 280 31.31 16.21 23.88
CA LYS C 280 32.24 16.92 24.77
C LYS C 280 33.38 16.04 25.28
N PRO C 281 34.43 16.64 25.89
CA PRO C 281 35.55 15.79 26.33
C PRO C 281 35.10 14.67 27.27
N GLY C 282 35.64 13.48 27.07
CA GLY C 282 35.26 12.30 27.85
C GLY C 282 34.08 11.50 27.30
N GLU C 283 33.37 12.05 26.33
CA GLU C 283 32.07 11.45 25.93
C GLU C 283 32.16 10.48 24.74
N HIS C 284 33.35 10.25 24.23
CA HIS C 284 33.55 9.26 23.17
C HIS C 284 35.02 9.03 22.94
N GLY C 285 35.41 7.81 22.64
CA GLY C 285 36.80 7.53 22.34
C GLY C 285 37.09 6.13 21.89
N SER C 286 38.39 5.85 21.79
CA SER C 286 38.92 4.59 21.33
C SER C 286 40.39 4.55 21.65
N THR C 287 40.88 3.44 22.19
CA THR C 287 42.27 3.37 22.64
C THR C 287 43.24 3.67 21.48
N TYR C 288 43.09 2.98 20.36
CA TYR C 288 44.00 3.14 19.22
C TYR C 288 43.61 4.25 18.24
N GLY C 289 42.43 4.84 18.42
CA GLY C 289 41.97 5.90 17.55
C GLY C 289 42.88 7.11 17.52
N GLY C 290 43.39 7.46 16.34
CA GLY C 290 44.22 8.65 16.18
C GLY C 290 45.67 8.45 16.60
N ASN C 291 46.11 7.21 16.67
CA ASN C 291 47.48 6.93 17.05
C ASN C 291 48.46 7.39 15.97
N PRO C 292 49.69 7.77 16.36
CA PRO C 292 50.64 8.37 15.42
C PRO C 292 51.05 7.45 14.28
N LEU C 293 51.08 6.14 14.49
CA LEU C 293 51.51 5.23 13.45
C LEU C 293 50.45 5.16 12.33
N GLY C 294 49.18 5.02 12.71
CA GLY C 294 48.11 5.03 11.73
C GLY C 294 48.01 6.36 11.01
N CYS C 295 48.30 7.46 11.71
CA CYS C 295 48.19 8.78 11.09
C CYS C 295 49.24 9.01 10.00
N ARG C 296 50.48 8.58 10.24
CA ARG C 296 51.52 8.68 9.23
C ARG C 296 51.15 7.86 7.99
N VAL C 297 50.67 6.63 8.22
CA VAL C 297 50.22 5.75 7.15
C VAL C 297 49.10 6.41 6.34
N ALA C 298 48.15 7.02 7.04
CA ALA C 298 46.98 7.60 6.41
C ALA C 298 47.35 8.78 5.52
N ILE C 299 48.22 9.63 6.02
CA ILE C 299 48.69 10.77 5.22
C ILE C 299 49.34 10.27 3.93
N ALA C 300 50.17 9.23 4.06
CA ALA C 300 50.84 8.67 2.89
C ALA C 300 49.84 8.07 1.93
N ALA C 301 48.89 7.30 2.46
CA ALA C 301 47.86 6.66 1.64
C ALA C 301 47.04 7.69 0.87
N LEU C 302 46.76 8.81 1.50
CA LEU C 302 45.99 9.87 0.85
C LEU C 302 46.85 10.55 -0.21
N GLU C 303 48.14 10.71 0.06
CA GLU C 303 49.04 11.34 -0.91
C GLU C 303 49.21 10.49 -2.17
N VAL C 304 49.27 9.19 -2.01
CA VAL C 304 49.38 8.28 -3.15
C VAL C 304 48.19 8.45 -4.13
N LEU C 305 46.99 8.49 -3.57
CA LEU C 305 45.77 8.67 -4.35
C LEU C 305 45.85 9.93 -5.21
N GLU C 306 46.35 11.01 -4.61
CA GLU C 306 46.47 12.28 -5.33
C GLU C 306 47.63 12.31 -6.33
N GLU C 307 48.83 12.01 -5.86
CA GLU C 307 50.04 12.12 -6.69
CA GLU C 307 50.03 12.13 -6.69
C GLU C 307 49.99 11.22 -7.92
N GLU C 308 49.25 10.12 -7.83
CA GLU C 308 49.16 9.21 -8.97
C GLU C 308 47.82 9.30 -9.70
N ASN C 309 47.06 10.36 -9.42
CA ASN C 309 45.75 10.60 -10.03
C ASN C 309 44.94 9.34 -10.21
N LEU C 310 44.80 8.58 -9.13
CA LEU C 310 44.19 7.26 -9.21
C LEU C 310 42.69 7.31 -9.48
N ALA C 311 42.03 8.40 -9.11
CA ALA C 311 40.61 8.57 -9.39
C ALA C 311 40.39 8.70 -10.89
N GLU C 312 41.25 9.47 -11.54
CA GLU C 312 41.19 9.63 -12.99
C GLU C 312 41.35 8.29 -13.67
N ASN C 313 42.33 7.50 -13.21
CA ASN C 313 42.58 6.18 -13.77
C ASN C 313 41.39 5.23 -13.56
N ALA C 314 40.82 5.27 -12.36
CA ALA C 314 39.71 4.40 -12.01
C ALA C 314 38.53 4.68 -12.94
N ASP C 315 38.29 5.96 -13.19
CA ASP C 315 37.19 6.37 -14.04
C ASP C 315 37.42 5.89 -15.48
N LYS C 316 38.59 6.21 -16.04
CA LYS C 316 38.92 5.77 -17.41
C LYS C 316 38.83 4.26 -17.57
N LEU C 317 39.49 3.53 -16.68
CA LEU C 317 39.59 2.08 -16.83
C LEU C 317 38.29 1.35 -16.49
N GLY C 318 37.45 1.97 -15.65
CA GLY C 318 36.18 1.37 -15.30
C GLY C 318 35.24 1.42 -16.50
N ILE C 319 35.35 2.49 -17.27
CA ILE C 319 34.58 2.61 -18.50
C ILE C 319 34.93 1.47 -19.44
N ILE C 320 36.23 1.24 -19.62
CA ILE C 320 36.71 0.13 -20.42
C ILE C 320 36.24 -1.21 -19.86
N LEU C 321 36.38 -1.41 -18.56
CA LEU C 321 35.96 -2.67 -17.94
C LEU C 321 34.47 -2.98 -18.18
N ARG C 322 33.59 -2.00 -17.94
CA ARG C 322 32.16 -2.27 -18.11
C ARG C 322 31.78 -2.47 -19.58
N ASN C 323 32.37 -1.68 -20.46
CA ASN C 323 32.11 -1.85 -21.90
C ASN C 323 32.48 -3.27 -22.38
N GLU C 324 33.64 -3.77 -21.97
CA GLU C 324 34.07 -5.11 -22.38
C GLU C 324 33.19 -6.19 -21.76
N LEU C 325 32.79 -5.98 -20.50
CA LEU C 325 31.98 -6.97 -19.82
C LEU C 325 30.61 -7.10 -20.47
N MET C 326 30.10 -6.01 -21.03
CA MET C 326 28.76 -6.05 -21.61
C MET C 326 28.74 -6.82 -22.94
N LYS C 327 29.92 -7.15 -23.48
CA LYS C 327 30.03 -7.97 -24.69
C LYS C 327 29.77 -9.45 -24.41
N LEU C 328 29.78 -9.84 -23.13
CA LEU C 328 29.49 -11.21 -22.78
C LEU C 328 28.03 -11.52 -23.13
N PRO C 329 27.70 -12.79 -23.37
CA PRO C 329 26.35 -13.17 -23.80
C PRO C 329 25.26 -12.79 -22.80
N SER C 330 24.27 -12.02 -23.27
CA SER C 330 23.16 -11.54 -22.44
C SER C 330 22.35 -12.65 -21.78
N ASP C 331 22.57 -13.88 -22.22
CA ASP C 331 21.84 -15.00 -21.64
C ASP C 331 22.60 -15.68 -20.51
N VAL C 332 23.89 -15.38 -20.37
CA VAL C 332 24.66 -15.88 -19.22
C VAL C 332 25.02 -14.77 -18.21
N VAL C 333 25.43 -13.59 -18.71
CA VAL C 333 25.63 -12.41 -17.89
C VAL C 333 24.46 -11.48 -18.10
N THR C 334 23.56 -11.39 -17.12
CA THR C 334 22.31 -10.68 -17.33
C THR C 334 22.38 -9.18 -16.98
N ALA C 335 23.48 -8.75 -16.37
CA ALA C 335 23.66 -7.34 -16.03
C ALA C 335 25.11 -6.99 -15.73
N VAL C 336 25.47 -5.74 -16.03
CA VAL C 336 26.77 -5.19 -15.70
C VAL C 336 26.55 -3.85 -15.03
N ARG C 337 27.19 -3.63 -13.88
CA ARG C 337 26.99 -2.34 -13.20
C ARG C 337 28.21 -1.87 -12.41
N GLY C 338 28.25 -0.57 -12.15
CA GLY C 338 29.31 -0.01 -11.33
C GLY C 338 29.65 1.42 -11.67
N LYS C 339 30.59 2.00 -10.93
CA LYS C 339 31.21 3.27 -11.25
C LYS C 339 32.69 3.14 -10.98
N GLY C 340 33.51 3.80 -11.78
CA GLY C 340 34.96 3.67 -11.65
C GLY C 340 35.34 2.21 -11.60
N LEU C 341 36.18 1.86 -10.64
CA LEU C 341 36.62 0.47 -10.54
C LEU C 341 35.91 -0.33 -9.44
N LEU C 342 34.68 0.06 -9.12
CA LEU C 342 33.81 -0.77 -8.31
C LEU C 342 32.71 -1.33 -9.22
N ASN C 343 32.82 -2.59 -9.61
CA ASN C 343 31.91 -3.16 -10.58
C ASN C 343 31.46 -4.54 -10.21
N ALA C 344 30.35 -4.97 -10.84
CA ALA C 344 29.83 -6.31 -10.64
C ALA C 344 29.11 -6.82 -11.89
N ILE C 345 29.05 -8.14 -12.03
CA ILE C 345 28.15 -8.73 -13.01
C ILE C 345 27.18 -9.63 -12.31
N VAL C 346 26.00 -9.72 -12.90
CA VAL C 346 24.99 -10.67 -12.51
C VAL C 346 24.99 -11.79 -13.55
N ILE C 347 25.01 -13.03 -13.10
CA ILE C 347 24.94 -14.17 -14.02
C ILE C 347 23.59 -14.84 -13.92
N LYS C 348 23.19 -15.56 -14.98
CA LYS C 348 21.94 -16.32 -14.94
C LYS C 348 22.18 -17.62 -14.17
N GLU C 349 22.11 -17.51 -12.85
CA GLU C 349 22.34 -18.67 -11.99
C GLU C 349 21.34 -19.78 -12.26
N THR C 350 21.86 -21.00 -12.42
CA THR C 350 21.03 -22.18 -12.55
C THR C 350 21.23 -23.01 -11.28
N LYS C 351 20.65 -24.21 -11.24
CA LYS C 351 20.83 -25.09 -10.10
C LYS C 351 22.26 -25.66 -10.06
N ASP C 352 22.88 -25.75 -11.24
CA ASP C 352 24.18 -26.39 -11.44
CA ASP C 352 24.19 -26.38 -11.31
C ASP C 352 25.31 -25.37 -11.60
N TRP C 353 24.94 -24.15 -11.91
CA TRP C 353 25.91 -23.11 -12.19
C TRP C 353 25.69 -21.93 -11.26
N ASP C 354 26.75 -21.47 -10.62
CA ASP C 354 26.61 -20.36 -9.68
C ASP C 354 27.84 -19.49 -9.59
N ALA C 355 27.69 -18.37 -8.88
CA ALA C 355 28.77 -17.41 -8.72
C ALA C 355 29.99 -18.03 -8.04
N TRP C 356 29.77 -18.96 -7.10
CA TRP C 356 30.88 -19.58 -6.41
C TRP C 356 31.73 -20.41 -7.38
N LYS C 357 31.06 -21.23 -8.17
CA LYS C 357 31.74 -22.06 -9.15
C LYS C 357 32.49 -21.22 -10.16
N VAL C 358 31.92 -20.08 -10.54
CA VAL C 358 32.62 -19.19 -11.45
C VAL C 358 33.91 -18.65 -10.81
N CYS C 359 33.81 -18.21 -9.56
CA CYS C 359 34.98 -17.68 -8.88
C CYS C 359 36.07 -18.74 -8.65
N LEU C 360 35.66 -19.98 -8.44
CA LEU C 360 36.63 -21.08 -8.32
C LEU C 360 37.44 -21.20 -9.61
N ARG C 361 36.76 -21.12 -10.75
CA ARG C 361 37.42 -21.27 -12.03
C ARG C 361 38.24 -20.02 -12.38
N LEU C 362 37.76 -18.85 -11.96
CA LEU C 362 38.55 -17.64 -12.16
C LEU C 362 39.91 -17.79 -11.45
N ARG C 363 39.85 -18.31 -10.23
CA ARG C 363 41.04 -18.59 -9.44
C ARG C 363 42.01 -19.51 -10.19
N ASP C 364 41.47 -20.62 -10.69
CA ASP C 364 42.24 -21.55 -11.51
C ASP C 364 42.88 -20.86 -12.72
N ASN C 365 42.22 -19.84 -13.24
CA ASN C 365 42.74 -19.12 -14.38
C ASN C 365 43.45 -17.83 -14.01
N GLY C 366 43.84 -17.70 -12.73
CA GLY C 366 44.69 -16.61 -12.29
C GLY C 366 44.05 -15.27 -11.88
N LEU C 367 42.80 -15.31 -11.47
CA LEU C 367 42.11 -14.08 -11.06
C LEU C 367 41.28 -14.32 -9.79
N LEU C 368 41.46 -13.49 -8.77
CA LEU C 368 40.75 -13.70 -7.51
C LEU C 368 39.57 -12.72 -7.34
N ALA C 369 38.38 -13.28 -7.19
CA ALA C 369 37.19 -12.46 -7.01
C ALA C 369 36.24 -13.11 -6.04
N LYS C 370 35.37 -12.27 -5.45
CA LYS C 370 34.40 -12.74 -4.48
C LYS C 370 32.97 -12.66 -5.01
N PRO C 371 32.21 -13.74 -4.82
CA PRO C 371 30.78 -13.71 -5.16
C PRO C 371 29.91 -13.08 -4.09
N THR C 372 28.73 -12.68 -4.51
CA THR C 372 27.65 -12.27 -3.63
C THR C 372 26.45 -13.16 -3.92
N HIS C 373 26.05 -13.95 -2.93
CA HIS C 373 24.97 -14.93 -3.10
C HIS C 373 25.32 -15.91 -4.22
N GLY C 374 24.34 -16.26 -5.04
CA GLY C 374 24.56 -17.25 -6.08
C GLY C 374 24.72 -16.67 -7.47
N ASP C 375 24.48 -15.38 -7.62
CA ASP C 375 24.32 -14.79 -8.95
C ASP C 375 25.11 -13.50 -9.19
N ILE C 376 25.94 -13.08 -8.24
CA ILE C 376 26.70 -11.84 -8.41
C ILE C 376 28.20 -12.05 -8.19
N ILE C 377 29.02 -11.51 -9.08
CA ILE C 377 30.46 -11.48 -8.89
C ILE C 377 30.96 -10.07 -8.98
N ARG C 378 31.69 -9.65 -7.95
CA ARG C 378 32.24 -8.31 -7.90
C ARG C 378 33.60 -8.28 -8.56
N PHE C 379 33.89 -7.19 -9.26
CA PHE C 379 35.19 -7.02 -9.87
C PHE C 379 35.77 -5.68 -9.44
N ALA C 380 36.76 -5.72 -8.57
CA ALA C 380 37.31 -4.48 -8.02
C ALA C 380 38.81 -4.57 -7.82
N PRO C 381 39.58 -4.33 -8.89
CA PRO C 381 41.04 -4.43 -8.80
C PRO C 381 41.64 -3.17 -8.17
N PRO C 382 42.89 -3.25 -7.69
CA PRO C 382 43.54 -2.03 -7.19
C PRO C 382 43.63 -0.94 -8.25
N LEU C 383 43.55 0.32 -7.83
CA LEU C 383 43.42 1.43 -8.78
C LEU C 383 44.73 1.75 -9.50
N VAL C 384 45.80 1.05 -9.14
CA VAL C 384 47.10 1.26 -9.78
C VAL C 384 47.25 0.38 -11.01
N ILE C 385 46.22 -0.41 -11.30
CA ILE C 385 46.23 -1.28 -12.46
C ILE C 385 46.37 -0.45 -13.74
N LYS C 386 47.05 -1.02 -14.74
CA LYS C 386 47.25 -0.35 -16.02
C LYS C 386 46.28 -0.93 -17.05
N GLU C 387 46.04 -0.19 -18.14
CA GLU C 387 45.09 -0.66 -19.15
C GLU C 387 45.45 -2.03 -19.72
N ASP C 388 46.72 -2.28 -19.98
CA ASP C 388 47.10 -3.57 -20.57
C ASP C 388 46.86 -4.71 -19.59
N GLU C 389 47.07 -4.43 -18.31
CA GLU C 389 46.83 -5.40 -17.25
C GLU C 389 45.34 -5.67 -17.11
N LEU C 390 44.55 -4.61 -17.18
CA LEU C 390 43.09 -4.73 -17.15
C LEU C 390 42.61 -5.60 -18.29
N ARG C 391 43.14 -5.35 -19.49
CA ARG C 391 42.71 -6.07 -20.69
C ARG C 391 43.07 -7.54 -20.58
N GLU C 392 44.26 -7.80 -20.07
CA GLU C 392 44.63 -9.18 -19.80
C GLU C 392 43.66 -9.84 -18.81
N SER C 393 43.36 -9.13 -17.72
CA SER C 393 42.39 -9.64 -16.75
C SER C 393 41.04 -9.92 -17.38
N ILE C 394 40.62 -9.03 -18.26
CA ILE C 394 39.32 -9.15 -18.90
C ILE C 394 39.26 -10.43 -19.72
N GLU C 395 40.38 -10.81 -20.34
CA GLU C 395 40.38 -12.02 -21.15
C GLU C 395 40.30 -13.25 -20.25
N ILE C 396 40.86 -13.17 -19.05
CA ILE C 396 40.68 -14.23 -18.07
C ILE C 396 39.21 -14.41 -17.72
N ILE C 397 38.51 -13.29 -17.53
CA ILE C 397 37.10 -13.33 -17.21
C ILE C 397 36.31 -13.92 -18.39
N ASN C 398 36.61 -13.41 -19.59
CA ASN C 398 35.99 -13.92 -20.82
C ASN C 398 36.20 -15.41 -20.95
N LYS C 399 37.46 -15.82 -20.91
CA LYS C 399 37.82 -17.23 -20.96
C LYS C 399 37.00 -18.04 -19.97
N THR C 400 36.87 -17.52 -18.74
CA THR C 400 36.23 -18.27 -17.67
C THR C 400 34.73 -18.38 -17.84
N ILE C 401 34.09 -17.26 -18.14
CA ILE C 401 32.64 -17.23 -18.32
C ILE C 401 32.22 -18.12 -19.49
N LEU C 402 32.94 -17.99 -20.59
CA LEU C 402 32.63 -18.73 -21.82
C LEU C 402 32.90 -20.22 -21.71
N SER C 403 33.77 -20.61 -20.78
CA SER C 403 34.21 -21.99 -20.64
C SER C 403 33.14 -22.92 -20.06
N PHE C 404 32.05 -22.35 -19.57
CA PHE C 404 30.99 -23.18 -18.97
C PHE C 404 30.00 -23.64 -20.04
C4A 9QJ D . -23.78 7.09 5.44
CGF 9QJ D . -23.87 7.31 6.95
CDF 9QJ D . -24.67 6.31 7.69
NF 9QJ D . -25.76 5.84 7.25
CEF 9QJ D . -24.09 5.96 9.04
CAF 9QJ D . -22.90 6.93 9.15
CF 9QJ D . -21.76 6.36 9.97
O1F 9QJ D . -21.99 5.37 10.69
O2F 9QJ D . -20.63 6.91 9.94
CBF 9QJ D . -22.53 7.29 7.71
C4 9QJ D . -22.98 8.23 4.96
C3 9QJ D . -23.56 9.59 5.05
O3 9QJ D . -24.81 9.79 5.54
C2 9QJ D . -22.72 10.72 4.58
C2A 9QJ D . -23.28 12.12 4.64
N1 9QJ D . -21.48 10.50 4.08
C6 9QJ D . -20.94 9.26 3.98
C5 9QJ D . -21.61 8.12 4.41
C5A 9QJ D . -20.92 6.78 4.27
O4P 9QJ D . -21.58 6.00 3.27
P 9QJ D . -21.37 4.39 3.27
O2P 9QJ D . -19.89 4.08 3.28
O3P 9QJ D . -22.00 3.85 1.99
O1P 9QJ D . -22.10 3.86 4.47
C4A 9QJ E . -7.79 -5.67 -5.12
CGF 9QJ E . -6.47 -5.18 -5.74
CDF 9QJ E . -6.56 -4.77 -7.18
NF 9QJ E . -7.17 -5.46 -8.04
CEF 9QJ E . -5.80 -3.50 -7.50
CAF 9QJ E . -5.00 -3.31 -6.18
CF 9QJ E . -4.66 -1.89 -5.83
O1F 9QJ E . -4.48 -1.60 -4.62
O2F 9QJ E . -4.54 -1.05 -6.75
CBF 9QJ E . -5.85 -3.95 -5.08
C4 9QJ E . -7.47 -6.13 -3.74
C3 9QJ E . -6.60 -7.31 -3.57
O3 9QJ E . -6.07 -7.96 -4.64
C2 9QJ E . -6.30 -7.75 -2.20
C2A 9QJ E . -5.40 -8.95 -1.97
N1 9QJ E . -6.84 -7.11 -1.14
C6 9QJ E . -7.65 -6.03 -1.27
C5 9QJ E . -7.99 -5.50 -2.51
C5A 9QJ E . -8.90 -4.30 -2.58
O4P 9QJ E . -10.12 -4.71 -3.18
P 9QJ E . -11.13 -3.59 -3.74
O2P 9QJ E . -11.20 -2.44 -2.76
O3P 9QJ E . -10.57 -3.10 -5.06
O1P 9QJ E . -12.50 -4.24 -3.87
C4A 9QJ F . 33.03 -3.00 5.19
CGF 9QJ F . 32.00 -4.04 4.72
CDF 9QJ F . 32.57 -5.40 4.50
NF 9QJ F . 33.71 -5.59 4.02
CEF 9QJ F . 31.64 -6.53 4.90
CAF 9QJ F . 30.39 -5.75 5.34
CF 9QJ F . 29.63 -6.45 6.46
O1F 9QJ F . 29.82 -7.67 6.63
O2F 9QJ F . 28.80 -5.81 7.15
CBF 9QJ F . 30.87 -4.34 5.71
C4 9QJ F . 32.28 -1.75 5.41
C3 9QJ F . 31.70 -1.04 4.25
O3 9QJ F . 31.87 -1.53 3.00
C2 9QJ F . 30.95 0.20 4.49
C2A 9QJ F . 30.37 0.94 3.30
N1 9QJ F . 30.79 0.67 5.76
C6 9QJ F . 31.31 0.05 6.84
C5 9QJ F . 32.03 -1.15 6.74
C5A 9QJ F . 32.58 -1.82 7.97
O4P 9QJ F . 34.01 -1.68 7.94
P 9QJ F . 34.93 -2.60 8.90
O2P 9QJ F . 34.34 -2.47 10.29
O3P 9QJ F . 36.33 -2.04 8.84
O1P 9QJ F . 34.88 -4.03 8.45
#